data_3H53
#
_entry.id   3H53
#
_cell.length_a   153.532
_cell.length_b   114.260
_cell.length_c   68.408
_cell.angle_alpha   90.000
_cell.angle_beta   96.110
_cell.angle_gamma   90.000
#
_symmetry.space_group_name_H-M   'C 1 2 1'
#
loop_
_entity.id
_entity.type
_entity.pdbx_description
1 polymer Alpha-N-acetylgalactosaminidase
2 branched beta-D-mannopyranose-(1-4)-2-acetamido-2-deoxy-beta-D-glucopyranose-(1-4)-[alpha-L-fucopyranose-(1-6)]2-acetamido-2-deoxy-beta-D-glucopyranose
3 branched alpha-D-mannopyranose-(1-3)-[alpha-D-mannopyranose-(1-6)]beta-D-mannopyranose-(1-4)-2-acetamido-2-deoxy-beta-D-glucopyranose-(1-4)-2-acetamido-2-deoxy-beta-D-glucopyranose
4 branched 2-acetamido-2-deoxy-beta-D-glucopyranose-(1-4)-[alpha-L-fucopyranose-(1-6)]2-acetamido-2-deoxy-beta-D-glucopyranose
5 non-polymer GLYCEROL
6 non-polymer 2-acetamido-2-deoxy-beta-D-glucopyranose
7 water water
#
_entity_poly.entity_id   1
_entity_poly.type   'polypeptide(L)'
_entity_poly.pdbx_seq_one_letter_code
;LDNGLLQTPPMGWLAWERFRCNINCDEDPKNCISEQLFMEMADRMAQDGWRDMGYTYLNIDDCWIGGRDASGRLMPDPKR
FPHGIPFLADYVHSLGLKLGIYADMGNFTCMGYPGTTLDKVVQDAQTFAEWKVDMLKLDGCFSTPEERAQGYPKMAAALN
ATGRPIAFSCSWPAYEGGLPPRVQYSLLADICNLWRNYDDIQDSWWSVLSILNWFVEHQDILQPVAGPGHWNDPDMLLIG
NFGLSLEQSRAQMALWTVLAAPLLMSTDLRTISAQNMDILQNPLMIKINQDPLGIQGRRIHKEKSLIEVYMRPLSNKASA
LVFFSCRTDMPYRYHSSLGQLNFTGSVIYEAQDVYSGDIISGLRDETNFTVIINPSGVVMWYLYPIKNLEMSQQHHHHHH
;
_entity_poly.pdbx_strand_id   A,B
#
# COMPACT_ATOMS: atom_id res chain seq x y z
N LEU A 1 -18.82 -4.70 -29.20
CA LEU A 1 -18.57 -4.78 -30.67
C LEU A 1 -18.91 -6.18 -31.17
N ASP A 2 -19.73 -6.25 -32.23
CA ASP A 2 -20.26 -7.51 -32.73
C ASP A 2 -19.31 -8.18 -33.73
N ASN A 3 -18.10 -8.48 -33.25
CA ASN A 3 -17.09 -9.15 -34.06
C ASN A 3 -16.80 -10.58 -33.57
N GLY A 4 -17.61 -11.05 -32.63
CA GLY A 4 -17.48 -12.40 -32.09
C GLY A 4 -16.35 -12.59 -31.08
N LEU A 5 -15.62 -11.51 -30.81
CA LEU A 5 -14.46 -11.59 -29.92
C LEU A 5 -14.79 -11.17 -28.50
N LEU A 6 -14.02 -11.69 -27.56
CA LEU A 6 -14.09 -11.30 -26.15
C LEU A 6 -15.48 -11.51 -25.54
N GLN A 7 -16.03 -12.70 -25.79
CA GLN A 7 -17.29 -13.13 -25.19
C GLN A 7 -17.14 -13.24 -23.67
N THR A 8 -15.89 -13.39 -23.23
CA THR A 8 -15.50 -13.23 -21.83
C THR A 8 -14.44 -12.13 -21.79
N PRO A 9 -14.18 -11.52 -20.61
CA PRO A 9 -13.18 -10.45 -20.55
C PRO A 9 -11.80 -10.94 -21.00
N PRO A 10 -11.04 -10.07 -21.70
CA PRO A 10 -9.73 -10.47 -22.20
C PRO A 10 -8.75 -10.68 -21.05
N MET A 11 -7.92 -11.71 -21.18
CA MET A 11 -6.88 -11.98 -20.20
C MET A 11 -5.54 -11.93 -20.92
N GLY A 12 -4.56 -11.32 -20.26
CA GLY A 12 -3.22 -11.24 -20.83
C GLY A 12 -2.26 -10.35 -20.08
N TRP A 13 -1.35 -9.75 -20.82
CA TRP A 13 -0.27 -8.95 -20.27
C TRP A 13 -0.13 -7.72 -21.15
N LEU A 14 0.03 -6.57 -20.50
CA LEU A 14 0.17 -5.29 -21.19
C LEU A 14 1.41 -4.62 -20.64
N ALA A 15 2.24 -4.06 -21.52
CA ALA A 15 3.56 -3.55 -21.13
C ALA A 15 3.54 -2.31 -20.24
N TRP A 16 2.50 -1.49 -20.37
CA TRP A 16 2.56 -0.09 -19.91
C TRP A 16 2.85 0.15 -18.43
N GLU A 17 2.05 -0.43 -17.54
CA GLU A 17 2.13 -0.06 -16.12
C GLU A 17 3.52 -0.27 -15.53
N ARG A 18 4.10 -1.43 -15.80
CA ARG A 18 5.39 -1.80 -15.24
C ARG A 18 6.59 -1.23 -16.02
N PHE A 19 6.48 -1.15 -17.35
CA PHE A 19 7.65 -0.81 -18.16
C PHE A 19 7.59 0.56 -18.84
N ARG A 20 6.38 1.11 -18.90
CA ARG A 20 6.17 2.51 -19.30
C ARG A 20 6.86 2.86 -20.63
N CYS A 21 7.52 4.02 -20.67
CA CYS A 21 8.15 4.50 -21.89
C CYS A 21 9.68 4.41 -21.81
N ASN A 22 10.18 3.32 -21.20
CA ASN A 22 11.60 3.08 -21.09
C ASN A 22 12.21 2.68 -22.45
N ILE A 23 12.92 3.62 -23.07
CA ILE A 23 13.53 3.37 -24.38
C ILE A 23 15.07 3.33 -24.31
N ASN A 24 15.61 3.33 -23.10
CA ASN A 24 17.06 3.31 -22.93
C ASN A 24 17.61 1.89 -22.92
N CYS A 25 17.71 1.29 -24.10
CA CYS A 25 18.19 -0.09 -24.22
C CYS A 25 19.71 -0.23 -24.01
N ASP A 26 20.44 0.87 -24.17
CA ASP A 26 21.89 0.88 -23.92
C ASP A 26 22.19 0.64 -22.44
N GLU A 27 21.56 1.42 -21.58
CA GLU A 27 21.75 1.35 -20.13
C GLU A 27 20.89 0.28 -19.47
N ASP A 28 19.73 0.01 -20.06
CA ASP A 28 18.74 -0.86 -19.42
C ASP A 28 18.14 -1.86 -20.42
N PRO A 29 18.99 -2.74 -21.00
CA PRO A 29 18.53 -3.62 -22.08
C PRO A 29 17.45 -4.63 -21.69
N LYS A 30 17.40 -4.99 -20.41
CA LYS A 30 16.46 -6.00 -19.91
C LYS A 30 15.03 -5.47 -19.74
N ASN A 31 14.91 -4.15 -19.59
CA ASN A 31 13.64 -3.53 -19.17
C ASN A 31 13.10 -2.48 -20.13
N CYS A 32 13.86 -2.16 -21.17
CA CYS A 32 13.40 -1.21 -22.18
C CYS A 32 12.33 -1.85 -23.06
N ILE A 33 11.47 -1.01 -23.64
CA ILE A 33 10.45 -1.46 -24.58
C ILE A 33 11.15 -1.93 -25.87
N SER A 34 11.18 -3.24 -26.06
CA SER A 34 11.94 -3.83 -27.15
C SER A 34 11.34 -5.16 -27.58
N GLU A 35 11.71 -5.58 -28.79
CA GLU A 35 11.41 -6.91 -29.30
C GLU A 35 11.78 -7.98 -28.26
N GLN A 36 12.98 -7.88 -27.70
CA GLN A 36 13.46 -8.82 -26.68
C GLN A 36 12.52 -8.93 -25.48
N LEU A 37 12.06 -7.78 -24.97
CA LEU A 37 11.14 -7.76 -23.83
C LEU A 37 9.87 -8.58 -24.10
N PHE A 38 9.26 -8.36 -25.26
CA PHE A 38 8.03 -9.05 -25.62
C PHE A 38 8.23 -10.56 -25.86
N MET A 39 9.33 -10.93 -26.50
CA MET A 39 9.64 -12.35 -26.69
C MET A 39 9.87 -13.04 -25.34
N GLU A 40 10.54 -12.35 -24.43
CA GLU A 40 10.83 -12.91 -23.11
C GLU A 40 9.55 -13.11 -22.30
N MET A 41 8.64 -12.14 -22.38
CA MET A 41 7.34 -12.25 -21.71
C MET A 41 6.49 -13.34 -22.35
N ALA A 42 6.52 -13.42 -23.68
CA ALA A 42 5.83 -14.49 -24.41
C ALA A 42 6.30 -15.87 -23.94
N ASP A 43 7.63 -16.04 -23.84
CA ASP A 43 8.21 -17.28 -23.33
C ASP A 43 7.68 -17.64 -21.95
N ARG A 44 7.64 -16.65 -21.05
CA ARG A 44 7.12 -16.87 -19.70
C ARG A 44 5.65 -17.27 -19.70
N MET A 45 4.85 -16.61 -20.55
CA MET A 45 3.43 -16.93 -20.65
C MET A 45 3.19 -18.34 -21.16
N ALA A 46 4.01 -18.75 -22.11
CA ALA A 46 3.94 -20.10 -22.69
C ALA A 46 4.40 -21.17 -21.71
N GLN A 47 5.44 -20.87 -20.94
CA GLN A 47 6.12 -21.87 -20.12
C GLN A 47 5.66 -21.94 -18.65
N ASP A 48 5.16 -20.82 -18.11
CA ASP A 48 4.90 -20.73 -16.68
C ASP A 48 3.42 -20.87 -16.28
N GLY A 49 2.61 -21.43 -17.17
CA GLY A 49 1.22 -21.73 -16.87
C GLY A 49 0.22 -20.66 -17.24
N TRP A 50 0.70 -19.47 -17.62
CA TRP A 50 -0.16 -18.32 -17.89
C TRP A 50 -1.13 -18.57 -19.03
N ARG A 51 -0.61 -18.97 -20.19
CA ARG A 51 -1.43 -19.27 -21.35
C ARG A 51 -2.48 -20.33 -21.02
N ASP A 52 -2.04 -21.40 -20.35
CA ASP A 52 -2.91 -22.52 -19.98
C ASP A 52 -4.05 -22.11 -19.04
N MET A 53 -3.83 -21.06 -18.25
CA MET A 53 -4.85 -20.56 -17.33
C MET A 53 -5.80 -19.57 -18.00
N GLY A 54 -5.44 -19.12 -19.21
CA GLY A 54 -6.33 -18.25 -19.99
C GLY A 54 -5.73 -16.90 -20.38
N TYR A 55 -4.55 -16.59 -19.86
CA TYR A 55 -3.85 -15.35 -20.21
C TYR A 55 -3.23 -15.52 -21.60
N THR A 56 -3.91 -14.99 -22.61
CA THR A 56 -3.55 -15.26 -24.01
C THR A 56 -3.01 -14.05 -24.78
N TYR A 57 -3.35 -12.85 -24.32
CA TYR A 57 -2.92 -11.64 -25.02
C TYR A 57 -1.59 -11.11 -24.50
N LEU A 58 -0.68 -10.82 -25.42
CA LEU A 58 0.57 -10.13 -25.10
C LEU A 58 0.52 -8.80 -25.82
N ASN A 59 0.32 -7.72 -25.07
CA ASN A 59 0.01 -6.44 -25.68
C ASN A 59 1.09 -5.38 -25.56
N ILE A 60 1.46 -4.81 -26.71
CA ILE A 60 2.38 -3.68 -26.80
C ILE A 60 1.59 -2.42 -26.46
N ASP A 61 2.21 -1.49 -25.72
CA ASP A 61 1.59 -0.19 -25.48
C ASP A 61 2.40 0.91 -26.17
N ASP A 62 2.43 2.10 -25.60
CA ASP A 62 3.07 3.27 -26.22
C ASP A 62 4.58 3.07 -26.35
N CYS A 63 5.20 3.91 -27.19
CA CYS A 63 6.66 3.98 -27.36
C CYS A 63 7.25 2.86 -28.20
N TRP A 64 6.44 2.23 -29.05
CA TRP A 64 6.95 1.22 -29.99
C TRP A 64 7.27 1.78 -31.37
N ILE A 65 6.68 2.92 -31.70
CA ILE A 65 6.70 3.46 -33.07
C ILE A 65 8.02 4.15 -33.40
N GLY A 66 8.50 3.94 -34.62
CA GLY A 66 9.73 4.59 -35.09
C GLY A 66 9.48 5.75 -36.02
N GLY A 67 8.42 5.67 -36.82
CA GLY A 67 8.07 6.71 -37.79
C GLY A 67 7.14 6.14 -38.84
N ARG A 68 7.01 6.84 -39.95
CA ARG A 68 6.25 6.37 -41.10
C ARG A 68 7.17 6.40 -42.32
N ASP A 69 6.99 5.45 -43.23
CA ASP A 69 7.84 5.37 -44.41
C ASP A 69 7.30 6.28 -45.52
N ALA A 70 7.93 6.20 -46.70
CA ALA A 70 7.56 7.07 -47.82
C ALA A 70 6.10 6.95 -48.25
N SER A 71 5.46 5.83 -47.94
CA SER A 71 4.03 5.64 -48.23
C SER A 71 3.12 5.99 -47.05
N GLY A 72 3.70 6.53 -45.99
CA GLY A 72 2.94 6.86 -44.77
C GLY A 72 2.67 5.65 -43.91
N ARG A 73 3.34 4.54 -44.20
CA ARG A 73 3.11 3.28 -43.51
C ARG A 73 3.86 3.28 -42.18
N LEU A 74 3.16 2.91 -41.11
CA LEU A 74 3.69 2.89 -39.76
C LEU A 74 4.84 1.90 -39.61
N MET A 75 5.90 2.31 -38.93
CA MET A 75 7.06 1.44 -38.68
C MET A 75 7.42 1.44 -37.20
N PRO A 76 7.85 0.27 -36.69
CA PRO A 76 8.36 0.24 -35.32
C PRO A 76 9.75 0.87 -35.26
N ASP A 77 10.25 1.12 -34.05
CA ASP A 77 11.62 1.60 -33.88
C ASP A 77 12.59 0.52 -34.37
N PRO A 78 13.40 0.85 -35.38
CA PRO A 78 14.26 -0.15 -36.03
C PRO A 78 15.36 -0.71 -35.10
N LYS A 79 15.78 0.08 -34.12
CA LYS A 79 16.80 -0.38 -33.16
C LYS A 79 16.20 -1.26 -32.08
N ARG A 80 14.99 -0.92 -31.61
CA ARG A 80 14.38 -1.68 -30.52
C ARG A 80 13.52 -2.85 -31.01
N PHE A 81 13.07 -2.77 -32.26
CA PHE A 81 12.34 -3.87 -32.91
C PHE A 81 13.01 -4.23 -34.25
N PRO A 82 14.24 -4.78 -34.20
CA PRO A 82 15.03 -4.98 -35.42
C PRO A 82 14.37 -5.89 -36.47
N HIS A 83 13.59 -6.87 -36.04
CA HIS A 83 12.95 -7.81 -36.96
C HIS A 83 11.55 -7.39 -37.40
N GLY A 84 11.00 -6.36 -36.77
CA GLY A 84 9.67 -5.84 -37.14
C GLY A 84 8.53 -6.55 -36.44
N ILE A 85 7.31 -6.04 -36.62
CA ILE A 85 6.13 -6.55 -35.91
C ILE A 85 5.62 -7.92 -36.41
N PRO A 86 5.59 -8.15 -37.75
CA PRO A 86 5.19 -9.49 -38.20
C PRO A 86 6.00 -10.61 -37.54
N PHE A 87 7.31 -10.38 -37.39
CA PHE A 87 8.19 -11.33 -36.69
C PHE A 87 7.67 -11.64 -35.28
N LEU A 88 7.26 -10.59 -34.56
CA LEU A 88 6.80 -10.72 -33.19
C LEU A 88 5.42 -11.37 -33.13
N ALA A 89 4.54 -10.98 -34.06
CA ALA A 89 3.21 -11.60 -34.17
C ALA A 89 3.34 -13.10 -34.45
N ASP A 90 4.24 -13.44 -35.39
CA ASP A 90 4.49 -14.83 -35.76
C ASP A 90 5.09 -15.63 -34.60
N TYR A 91 5.99 -15.01 -33.83
CA TYR A 91 6.59 -15.67 -32.67
C TYR A 91 5.53 -15.96 -31.61
N VAL A 92 4.74 -14.94 -31.30
CA VAL A 92 3.69 -15.02 -30.31
C VAL A 92 2.64 -16.08 -30.73
N HIS A 93 2.24 -16.04 -31.99
CA HIS A 93 1.29 -17.03 -32.53
C HIS A 93 1.83 -18.45 -32.44
N SER A 94 3.14 -18.61 -32.65
CA SER A 94 3.77 -19.92 -32.60
C SER A 94 3.71 -20.51 -31.19
N LEU A 95 3.49 -19.64 -30.20
CA LEU A 95 3.38 -20.07 -28.80
C LEU A 95 1.93 -20.18 -28.32
N GLY A 96 0.98 -20.07 -29.24
CA GLY A 96 -0.45 -20.17 -28.90
C GLY A 96 -0.97 -18.91 -28.22
N LEU A 97 -0.29 -17.79 -28.44
CA LEU A 97 -0.67 -16.52 -27.85
C LEU A 97 -1.16 -15.54 -28.91
N LYS A 98 -1.71 -14.42 -28.48
CA LYS A 98 -2.19 -13.38 -29.38
C LYS A 98 -1.44 -12.08 -29.12
N LEU A 99 -1.26 -11.27 -30.17
CA LEU A 99 -0.49 -10.04 -30.03
C LEU A 99 -1.37 -8.78 -30.11
N GLY A 100 -1.22 -7.92 -29.12
CA GLY A 100 -1.91 -6.64 -29.09
C GLY A 100 -0.95 -5.53 -29.45
N ILE A 101 -1.45 -4.52 -30.15
CA ILE A 101 -0.65 -3.36 -30.47
C ILE A 101 -1.37 -2.08 -30.03
N TYR A 102 -0.72 -0.94 -30.25
CA TYR A 102 -1.16 0.34 -29.70
C TYR A 102 -1.06 1.42 -30.77
N ALA A 103 -2.05 2.29 -30.81
CA ALA A 103 -2.04 3.48 -31.65
C ALA A 103 -2.76 4.60 -30.90
N ASP A 104 -2.67 5.82 -31.41
CA ASP A 104 -3.35 6.94 -30.77
C ASP A 104 -4.17 7.71 -31.79
N MET A 105 -5.47 7.82 -31.51
CA MET A 105 -6.40 8.60 -32.32
C MET A 105 -6.15 10.07 -32.03
N GLY A 106 -5.26 10.68 -32.82
CA GLY A 106 -4.80 12.05 -32.59
C GLY A 106 -3.49 12.28 -33.31
N ASN A 107 -2.89 13.46 -33.10
CA ASN A 107 -1.64 13.83 -33.76
C ASN A 107 -0.44 13.02 -33.28
N PHE A 108 -0.42 12.73 -31.98
CA PHE A 108 0.68 12.00 -31.37
C PHE A 108 0.12 11.03 -30.35
N THR A 109 0.91 10.03 -29.99
CA THR A 109 0.55 9.18 -28.86
C THR A 109 0.77 9.99 -27.60
N CYS A 110 0.28 9.50 -26.46
CA CYS A 110 0.44 10.24 -25.22
C CYS A 110 1.90 10.56 -24.89
N MET A 111 2.82 9.72 -25.35
CA MET A 111 4.26 9.95 -25.17
C MET A 111 4.94 10.69 -26.33
N GLY A 112 4.15 11.16 -27.29
CA GLY A 112 4.65 12.03 -28.36
C GLY A 112 5.11 11.30 -29.62
N TYR A 113 4.82 10.00 -29.71
CA TYR A 113 5.16 9.21 -30.89
C TYR A 113 4.14 9.42 -32.02
N PRO A 114 4.48 9.05 -33.28
CA PRO A 114 3.56 9.31 -34.39
C PRO A 114 2.12 8.87 -34.13
N GLY A 115 1.18 9.79 -34.33
CA GLY A 115 -0.23 9.52 -34.07
C GLY A 115 -0.96 9.01 -35.30
N THR A 116 -2.09 8.35 -35.05
CA THR A 116 -2.99 7.90 -36.11
C THR A 116 -4.09 8.94 -36.28
N THR A 117 -3.82 9.93 -37.13
CA THR A 117 -4.78 10.99 -37.43
C THR A 117 -5.89 10.42 -38.29
N LEU A 118 -6.97 11.18 -38.48
CA LEU A 118 -8.12 10.72 -39.27
C LEU A 118 -7.73 10.17 -40.64
N ASP A 119 -6.82 10.85 -41.34
CA ASP A 119 -6.40 10.40 -42.67
C ASP A 119 -5.47 9.17 -42.66
N LYS A 120 -5.10 8.70 -41.47
CA LYS A 120 -4.22 7.52 -41.34
C LYS A 120 -4.96 6.30 -40.78
N VAL A 121 -6.19 6.51 -40.32
CA VAL A 121 -6.96 5.45 -39.66
C VAL A 121 -7.05 4.17 -40.49
N VAL A 122 -7.46 4.31 -41.75
CA VAL A 122 -7.66 3.15 -42.62
C VAL A 122 -6.35 2.42 -42.91
N GLN A 123 -5.32 3.19 -43.27
CA GLN A 123 -3.99 2.65 -43.58
C GLN A 123 -3.38 1.90 -42.39
N ASP A 124 -3.51 2.47 -41.20
CA ASP A 124 -2.96 1.86 -39.99
C ASP A 124 -3.70 0.56 -39.64
N ALA A 125 -5.03 0.57 -39.77
CA ALA A 125 -5.83 -0.64 -39.59
C ALA A 125 -5.37 -1.74 -40.54
N GLN A 126 -5.19 -1.39 -41.81
CA GLN A 126 -4.76 -2.34 -42.82
C GLN A 126 -3.37 -2.88 -42.53
N THR A 127 -2.47 -1.99 -42.11
CA THR A 127 -1.13 -2.38 -41.68
C THR A 127 -1.18 -3.36 -40.52
N PHE A 128 -1.98 -3.05 -39.50
CA PHE A 128 -2.12 -3.92 -38.32
C PHE A 128 -2.62 -5.31 -38.70
N ALA A 129 -3.62 -5.37 -39.58
CA ALA A 129 -4.17 -6.64 -40.05
C ALA A 129 -3.16 -7.43 -40.87
N GLU A 130 -2.41 -6.73 -41.72
CA GLU A 130 -1.35 -7.35 -42.52
C GLU A 130 -0.27 -7.95 -41.62
N TRP A 131 0.03 -7.27 -40.52
CA TRP A 131 0.99 -7.77 -39.54
C TRP A 131 0.47 -8.95 -38.74
N LYS A 132 -0.83 -9.20 -38.80
CA LYS A 132 -1.52 -10.30 -38.10
C LYS A 132 -1.65 -10.04 -36.59
N VAL A 133 -1.81 -8.78 -36.25
CA VAL A 133 -2.14 -8.31 -34.92
C VAL A 133 -3.53 -8.86 -34.54
N ASP A 134 -3.77 -9.07 -33.24
CA ASP A 134 -5.02 -9.65 -32.76
C ASP A 134 -5.86 -8.71 -31.91
N MET A 135 -5.25 -7.61 -31.48
CA MET A 135 -5.92 -6.63 -30.62
C MET A 135 -5.29 -5.26 -30.81
N LEU A 136 -6.13 -4.22 -30.73
CA LEU A 136 -5.65 -2.85 -30.79
C LEU A 136 -6.17 -2.06 -29.60
N LYS A 137 -5.24 -1.38 -28.91
CA LYS A 137 -5.60 -0.35 -27.95
C LYS A 137 -5.44 1.00 -28.63
N LEU A 138 -6.53 1.76 -28.70
CA LEU A 138 -6.49 3.07 -29.31
C LEU A 138 -6.66 4.17 -28.25
N ASP A 139 -5.54 4.81 -27.90
CA ASP A 139 -5.54 6.00 -27.04
C ASP A 139 -6.09 7.21 -27.80
N GLY A 140 -6.33 8.30 -27.08
CA GLY A 140 -6.92 9.49 -27.69
C GLY A 140 -6.30 10.80 -27.25
N CYS A 141 -5.01 10.78 -26.93
CA CYS A 141 -4.26 12.00 -26.64
C CYS A 141 -4.13 12.85 -27.91
N PHE A 142 -3.92 14.14 -27.73
CA PHE A 142 -3.67 15.10 -28.83
C PHE A 142 -4.73 15.06 -29.94
N SER A 143 -5.99 15.00 -29.51
CA SER A 143 -7.14 15.06 -30.40
C SER A 143 -8.24 15.90 -29.77
N THR A 144 -9.14 16.39 -30.61
CA THR A 144 -10.33 17.10 -30.18
C THR A 144 -11.47 16.10 -29.96
N PRO A 145 -12.49 16.47 -29.16
CA PRO A 145 -13.68 15.62 -29.01
C PRO A 145 -14.31 15.18 -30.35
N GLU A 146 -14.42 16.10 -31.30
CA GLU A 146 -15.00 15.77 -32.61
C GLU A 146 -14.15 14.82 -33.45
N GLU A 147 -12.83 14.91 -33.30
CA GLU A 147 -11.92 13.98 -33.97
C GLU A 147 -12.09 12.55 -33.43
N ARG A 148 -12.21 12.44 -32.11
CA ARG A 148 -12.46 11.16 -31.45
C ARG A 148 -13.84 10.60 -31.82
N ALA A 149 -14.84 11.48 -31.91
CA ALA A 149 -16.21 11.09 -32.28
C ALA A 149 -16.27 10.51 -33.70
N GLN A 150 -15.43 11.03 -34.59
CA GLN A 150 -15.32 10.47 -35.94
C GLN A 150 -14.37 9.28 -35.96
N GLY A 151 -13.25 9.41 -35.25
CA GLY A 151 -12.12 8.48 -35.36
C GLY A 151 -12.33 7.08 -34.81
N TYR A 152 -12.96 6.98 -33.64
CA TYR A 152 -13.21 5.67 -33.03
C TYR A 152 -14.17 4.78 -33.84
N PRO A 153 -15.32 5.32 -34.29
CA PRO A 153 -16.16 4.54 -35.22
C PRO A 153 -15.44 4.24 -36.54
N LYS A 154 -14.71 5.21 -37.06
CA LYS A 154 -13.92 5.02 -38.28
C LYS A 154 -12.94 3.84 -38.15
N MET A 155 -12.25 3.75 -37.01
CA MET A 155 -11.29 2.67 -36.77
C MET A 155 -11.97 1.29 -36.66
N ALA A 156 -13.09 1.24 -35.96
CA ALA A 156 -13.85 0.00 -35.82
C ALA A 156 -14.26 -0.55 -37.21
N ALA A 157 -14.76 0.35 -38.07
CA ALA A 157 -15.14 0.00 -39.43
C ALA A 157 -13.95 -0.43 -40.29
N ALA A 158 -12.83 0.29 -40.13
CA ALA A 158 -11.61 -0.02 -40.88
C ALA A 158 -11.00 -1.37 -40.46
N LEU A 159 -11.04 -1.68 -39.16
CA LEU A 159 -10.58 -2.99 -38.69
C LEU A 159 -11.46 -4.10 -39.25
N ASN A 160 -12.77 -3.87 -39.23
CA ASN A 160 -13.73 -4.81 -39.79
C ASN A 160 -13.46 -5.09 -41.27
N ALA A 161 -13.27 -4.04 -42.05
CA ALA A 161 -13.04 -4.15 -43.48
C ALA A 161 -11.80 -4.97 -43.86
N THR A 162 -10.82 -5.07 -42.95
CA THR A 162 -9.63 -5.87 -43.22
C THR A 162 -9.95 -7.36 -43.30
N GLY A 163 -11.04 -7.76 -42.64
CA GLY A 163 -11.43 -9.18 -42.59
C GLY A 163 -10.76 -9.97 -41.48
N ARG A 164 -9.76 -9.37 -40.83
CA ARG A 164 -9.13 -10.03 -39.69
C ARG A 164 -9.83 -9.64 -38.38
N PRO A 165 -10.21 -10.64 -37.56
CA PRO A 165 -10.76 -10.35 -36.24
C PRO A 165 -9.68 -9.68 -35.37
N ILE A 166 -9.96 -8.45 -34.95
CA ILE A 166 -9.04 -7.70 -34.10
C ILE A 166 -9.83 -7.07 -32.95
N ALA A 167 -9.56 -7.55 -31.73
CA ALA A 167 -10.22 -7.02 -30.54
C ALA A 167 -9.91 -5.54 -30.39
N PHE A 168 -10.92 -4.74 -30.06
CA PHE A 168 -10.78 -3.28 -30.10
C PHE A 168 -11.00 -2.67 -28.71
N SER A 169 -9.91 -2.14 -28.16
CA SER A 169 -9.86 -1.49 -26.85
C SER A 169 -9.80 0.02 -27.03
N CYS A 170 -10.82 0.73 -26.53
CA CYS A 170 -10.98 2.17 -26.76
C CYS A 170 -10.83 3.01 -25.50
N SER A 171 -9.93 3.98 -25.51
CA SER A 171 -9.74 4.89 -24.38
C SER A 171 -10.68 6.11 -24.48
N TRP A 172 -11.46 6.14 -25.55
CA TRP A 172 -12.39 7.23 -25.87
C TRP A 172 -13.15 7.84 -24.68
N PRO A 173 -13.94 7.03 -23.93
CA PRO A 173 -14.74 7.65 -22.85
C PRO A 173 -13.91 8.36 -21.77
N ALA A 174 -12.71 7.86 -21.49
CA ALA A 174 -11.84 8.45 -20.44
C ALA A 174 -11.52 9.93 -20.67
N TYR A 175 -11.40 10.33 -21.94
CA TYR A 175 -11.10 11.72 -22.28
C TYR A 175 -12.32 12.64 -22.20
N GLU A 176 -13.50 12.05 -22.10
CA GLU A 176 -14.75 12.81 -22.08
C GLU A 176 -15.44 12.78 -20.70
N GLY A 177 -14.70 12.30 -19.69
CA GLY A 177 -15.23 12.24 -18.32
C GLY A 177 -15.91 10.93 -17.95
N GLY A 178 -16.03 10.05 -18.93
CA GLY A 178 -16.54 8.69 -18.72
C GLY A 178 -18.03 8.55 -18.40
N LEU A 179 -18.78 9.65 -18.44
CA LEU A 179 -20.18 9.63 -18.03
C LEU A 179 -21.11 10.34 -19.02
N PRO A 180 -22.42 9.98 -19.00
CA PRO A 180 -23.44 10.75 -19.71
C PRO A 180 -23.45 12.20 -19.19
N PRO A 181 -23.85 13.17 -20.02
CA PRO A 181 -24.33 13.01 -21.40
C PRO A 181 -23.25 12.92 -22.48
N ARG A 182 -22.01 13.28 -22.15
N ARG A 182 -22.01 13.28 -22.14
CA ARG A 182 -20.93 13.32 -23.14
CA ARG A 182 -20.92 13.32 -23.11
C ARG A 182 -20.55 11.91 -23.64
C ARG A 182 -20.54 11.93 -23.62
N VAL A 183 -20.64 10.92 -22.75
CA VAL A 183 -20.37 9.53 -23.13
C VAL A 183 -21.68 8.79 -23.38
N GLN A 184 -21.78 8.17 -24.56
CA GLN A 184 -22.95 7.37 -24.93
C GLN A 184 -22.54 5.90 -24.90
N TYR A 185 -22.98 5.18 -23.88
CA TYR A 185 -22.55 3.80 -23.69
C TYR A 185 -23.14 2.78 -24.66
N SER A 186 -24.33 3.05 -25.20
CA SER A 186 -24.90 2.18 -26.23
C SER A 186 -24.06 2.27 -27.50
N LEU A 187 -23.67 3.49 -27.87
CA LEU A 187 -22.77 3.71 -28.99
C LEU A 187 -21.42 2.98 -28.78
N LEU A 188 -20.82 3.19 -27.61
CA LEU A 188 -19.55 2.54 -27.26
C LEU A 188 -19.57 1.03 -27.39
N ALA A 189 -20.63 0.39 -26.88
CA ALA A 189 -20.79 -1.07 -26.95
C ALA A 189 -20.89 -1.57 -28.39
N ASP A 190 -21.40 -0.73 -29.29
CA ASP A 190 -21.51 -1.07 -30.71
C ASP A 190 -20.17 -1.02 -31.43
N ILE A 191 -19.27 -0.16 -30.95
CA ILE A 191 -18.01 0.05 -31.69
C ILE A 191 -16.76 -0.53 -31.02
N CYS A 192 -16.84 -0.84 -29.72
CA CYS A 192 -15.66 -1.31 -28.97
C CYS A 192 -15.92 -2.62 -28.23
N ASN A 193 -14.88 -3.44 -28.10
CA ASN A 193 -14.94 -4.66 -27.29
C ASN A 193 -14.74 -4.35 -25.80
N LEU A 194 -14.07 -3.24 -25.54
CA LEU A 194 -13.83 -2.78 -24.18
C LEU A 194 -13.38 -1.32 -24.23
N TRP A 195 -13.58 -0.60 -23.14
CA TRP A 195 -13.28 0.83 -23.09
C TRP A 195 -12.72 1.23 -21.74
N ARG A 196 -11.69 2.07 -21.76
CA ARG A 196 -11.14 2.64 -20.55
C ARG A 196 -12.01 3.83 -20.16
N ASN A 197 -12.76 3.67 -19.06
CA ASN A 197 -13.74 4.66 -18.57
C ASN A 197 -13.09 5.84 -17.85
N TYR A 198 -11.96 5.57 -17.21
CA TYR A 198 -11.48 6.45 -16.14
C TYR A 198 -9.95 6.53 -16.14
N ASP A 199 -9.38 7.09 -15.06
CA ASP A 199 -7.97 7.40 -14.95
C ASP A 199 -7.04 6.21 -15.10
N ASP A 200 -5.86 6.46 -15.68
CA ASP A 200 -4.77 5.50 -15.67
C ASP A 200 -4.52 5.01 -14.25
N ILE A 201 -4.42 3.70 -14.07
CA ILE A 201 -4.01 3.15 -12.79
C ILE A 201 -2.52 3.45 -12.57
N GLN A 202 -2.17 3.74 -11.32
CA GLN A 202 -0.78 3.88 -10.92
C GLN A 202 -0.49 2.84 -9.85
N ASP A 203 0.79 2.60 -9.57
CA ASP A 203 1.20 1.54 -8.64
C ASP A 203 1.04 1.97 -7.19
N SER A 204 -0.21 2.10 -6.76
CA SER A 204 -0.54 2.48 -5.38
C SER A 204 -1.93 1.99 -5.03
N TRP A 205 -2.14 1.73 -3.74
CA TRP A 205 -3.45 1.37 -3.23
C TRP A 205 -4.43 2.55 -3.38
N TRP A 206 -3.93 3.77 -3.17
CA TRP A 206 -4.74 4.98 -3.39
C TRP A 206 -5.35 5.00 -4.80
N SER A 207 -4.56 4.59 -5.79
CA SER A 207 -5.00 4.56 -7.18
C SER A 207 -6.13 3.53 -7.36
N VAL A 208 -5.92 2.33 -6.83
CA VAL A 208 -6.94 1.27 -6.87
C VAL A 208 -8.26 1.73 -6.24
N LEU A 209 -8.16 2.35 -5.06
CA LEU A 209 -9.34 2.87 -4.37
C LEU A 209 -10.06 3.98 -5.12
N SER A 210 -9.32 4.86 -5.78
CA SER A 210 -9.96 5.95 -6.52
C SER A 210 -10.72 5.40 -7.74
N ILE A 211 -10.15 4.39 -8.40
CA ILE A 211 -10.82 3.73 -9.52
C ILE A 211 -12.08 3.00 -9.03
N LEU A 212 -11.92 2.18 -7.99
CA LEU A 212 -13.04 1.47 -7.37
C LEU A 212 -14.15 2.41 -6.94
N ASN A 213 -13.78 3.50 -6.28
CA ASN A 213 -14.75 4.51 -5.83
C ASN A 213 -15.56 5.05 -7.00
N TRP A 214 -14.88 5.41 -8.08
CA TRP A 214 -15.52 5.96 -9.26
C TRP A 214 -16.47 4.94 -9.90
N PHE A 215 -16.02 3.69 -10.03
CA PHE A 215 -16.88 2.64 -10.58
C PHE A 215 -18.10 2.36 -9.70
N VAL A 216 -17.92 2.41 -8.38
CA VAL A 216 -19.03 2.18 -7.45
C VAL A 216 -20.01 3.36 -7.39
N GLU A 217 -19.50 4.59 -7.38
CA GLU A 217 -20.37 5.77 -7.43
C GLU A 217 -21.26 5.77 -8.66
N HIS A 218 -20.75 5.22 -9.76
CA HIS A 218 -21.47 5.26 -11.03
C HIS A 218 -21.94 3.89 -11.52
N GLN A 219 -22.07 2.94 -10.60
CA GLN A 219 -22.41 1.56 -10.98
C GLN A 219 -23.81 1.40 -11.60
N ASP A 220 -24.75 2.26 -11.24
CA ASP A 220 -26.09 2.23 -11.87
C ASP A 220 -26.01 2.46 -13.38
N ILE A 221 -25.04 3.26 -13.80
CA ILE A 221 -24.79 3.53 -15.22
C ILE A 221 -23.91 2.45 -15.86
N LEU A 222 -22.82 2.10 -15.17
CA LEU A 222 -21.78 1.26 -15.76
C LEU A 222 -22.12 -0.23 -15.77
N GLN A 223 -22.76 -0.71 -14.69
CA GLN A 223 -23.03 -2.15 -14.56
C GLN A 223 -23.83 -2.74 -15.73
N PRO A 224 -24.94 -2.11 -16.14
CA PRO A 224 -25.78 -2.73 -17.17
C PRO A 224 -25.17 -2.77 -18.57
N VAL A 225 -24.23 -1.88 -18.87
CA VAL A 225 -23.67 -1.80 -20.24
C VAL A 225 -22.61 -2.87 -20.54
N ALA A 226 -22.08 -3.49 -19.49
CA ALA A 226 -21.09 -4.55 -19.65
C ALA A 226 -21.75 -5.88 -20.01
N GLY A 227 -21.11 -6.61 -20.91
CA GLY A 227 -21.56 -7.94 -21.31
C GLY A 227 -20.64 -8.55 -22.35
N PRO A 228 -20.90 -9.80 -22.76
CA PRO A 228 -20.09 -10.48 -23.77
C PRO A 228 -19.83 -9.58 -24.98
N GLY A 229 -18.55 -9.34 -25.27
CA GLY A 229 -18.16 -8.54 -26.43
C GLY A 229 -18.01 -7.05 -26.16
N HIS A 230 -18.33 -6.62 -24.94
CA HIS A 230 -18.30 -5.19 -24.60
C HIS A 230 -18.17 -4.94 -23.08
N TRP A 231 -16.93 -4.70 -22.65
CA TRP A 231 -16.58 -4.60 -21.23
C TRP A 231 -16.16 -3.21 -20.76
N ASN A 232 -16.49 -2.89 -19.52
CA ASN A 232 -15.86 -1.77 -18.82
C ASN A 232 -14.42 -2.15 -18.49
N ASP A 233 -13.49 -1.19 -18.58
CA ASP A 233 -12.08 -1.46 -18.34
C ASP A 233 -11.52 -0.48 -17.31
N PRO A 234 -11.39 -0.93 -16.04
CA PRO A 234 -10.85 -0.11 -14.95
C PRO A 234 -9.33 -0.09 -14.93
N ASP A 235 -8.71 -0.68 -15.96
CA ASP A 235 -7.26 -0.65 -16.19
C ASP A 235 -6.52 -1.86 -15.59
N MET A 236 -5.20 -1.85 -15.71
CA MET A 236 -4.36 -3.05 -15.49
C MET A 236 -4.29 -3.52 -14.04
N LEU A 237 -4.01 -4.80 -13.87
CA LEU A 237 -3.71 -5.36 -12.56
C LEU A 237 -2.31 -4.91 -12.11
N LEU A 238 -2.17 -4.64 -10.82
CA LEU A 238 -0.91 -4.18 -10.24
C LEU A 238 -0.16 -5.31 -9.53
N ILE A 239 -0.77 -6.48 -9.52
CA ILE A 239 -0.24 -7.64 -8.81
C ILE A 239 1.14 -8.03 -9.36
N GLY A 240 2.12 -8.14 -8.47
CA GLY A 240 3.49 -8.47 -8.85
C GLY A 240 4.43 -7.27 -8.80
N ASN A 241 3.87 -6.08 -8.60
CA ASN A 241 4.67 -4.86 -8.62
C ASN A 241 5.04 -4.33 -7.23
N PHE A 242 5.07 -3.02 -7.04
CA PHE A 242 5.71 -2.43 -5.86
C PHE A 242 4.76 -1.81 -4.84
N GLY A 243 3.60 -1.35 -5.32
CA GLY A 243 2.72 -0.50 -4.54
C GLY A 243 1.75 -1.24 -3.62
N LEU A 244 1.36 -2.45 -4.02
CA LEU A 244 0.33 -3.18 -3.26
C LEU A 244 0.91 -4.20 -2.29
N SER A 245 0.35 -4.23 -1.08
CA SER A 245 0.62 -5.30 -0.12
C SER A 245 -0.07 -6.60 -0.58
N LEU A 246 0.20 -7.69 0.13
CA LEU A 246 -0.45 -8.96 -0.16
C LEU A 246 -1.98 -8.85 -0.10
N GLU A 247 -2.51 -8.26 0.97
CA GLU A 247 -3.96 -8.12 1.13
C GLU A 247 -4.57 -7.30 -0.01
N GLN A 248 -3.88 -6.22 -0.36
CA GLN A 248 -4.30 -5.32 -1.41
C GLN A 248 -4.24 -6.00 -2.77
N SER A 249 -3.26 -6.89 -2.96
CA SER A 249 -3.08 -7.62 -4.21
C SER A 249 -4.25 -8.59 -4.42
N ARG A 250 -4.54 -9.36 -3.37
CA ARG A 250 -5.70 -10.24 -3.36
C ARG A 250 -7.01 -9.49 -3.53
N ALA A 251 -7.08 -8.27 -2.99
CA ALA A 251 -8.25 -7.41 -3.12
C ALA A 251 -8.51 -6.95 -4.56
N GLN A 252 -7.47 -6.45 -5.24
CA GLN A 252 -7.64 -6.01 -6.61
C GLN A 252 -8.11 -7.17 -7.50
N MET A 253 -7.48 -8.33 -7.34
CA MET A 253 -7.87 -9.51 -8.13
C MET A 253 -9.35 -9.84 -7.94
N ALA A 254 -9.79 -9.93 -6.68
CA ALA A 254 -11.17 -10.28 -6.37
C ALA A 254 -12.15 -9.23 -6.89
N LEU A 255 -11.79 -7.96 -6.74
CA LEU A 255 -12.70 -6.86 -7.12
C LEU A 255 -12.78 -6.66 -8.63
N TRP A 256 -11.65 -6.77 -9.33
CA TRP A 256 -11.66 -6.76 -10.80
C TRP A 256 -12.50 -7.93 -11.32
N THR A 257 -12.42 -9.07 -10.64
CA THR A 257 -13.20 -10.25 -11.01
C THR A 257 -14.72 -10.03 -10.84
N VAL A 258 -15.16 -9.41 -9.74
CA VAL A 258 -16.61 -9.15 -9.59
C VAL A 258 -17.13 -8.07 -10.53
N LEU A 259 -16.23 -7.20 -10.99
CA LEU A 259 -16.60 -6.14 -11.93
C LEU A 259 -16.56 -6.60 -13.39
N ALA A 260 -16.31 -7.89 -13.61
CA ALA A 260 -16.15 -8.46 -14.95
C ALA A 260 -15.14 -7.64 -15.76
N ALA A 261 -14.04 -7.29 -15.10
CA ALA A 261 -12.95 -6.52 -15.70
C ALA A 261 -12.04 -7.42 -16.52
N PRO A 262 -11.35 -6.84 -17.51
CA PRO A 262 -10.22 -7.53 -18.12
C PRO A 262 -9.19 -7.89 -17.05
N LEU A 263 -8.56 -9.05 -17.18
CA LEU A 263 -7.45 -9.41 -16.32
C LEU A 263 -6.17 -9.21 -17.12
N LEU A 264 -5.78 -7.94 -17.24
CA LEU A 264 -4.56 -7.59 -17.95
C LEU A 264 -3.44 -7.26 -16.98
N MET A 265 -2.56 -8.23 -16.78
CA MET A 265 -1.38 -8.05 -15.94
C MET A 265 -0.46 -7.01 -16.57
N SER A 266 0.43 -6.46 -15.74
CA SER A 266 1.50 -5.61 -16.22
C SER A 266 2.58 -5.63 -15.17
N THR A 267 3.45 -6.62 -15.28
CA THR A 267 4.42 -6.93 -14.23
C THR A 267 5.54 -7.76 -14.84
N ASP A 268 6.67 -7.84 -14.14
CA ASP A 268 7.78 -8.62 -14.67
C ASP A 268 7.56 -10.10 -14.40
N LEU A 269 7.09 -10.82 -15.43
CA LEU A 269 6.83 -12.26 -15.32
C LEU A 269 8.10 -13.09 -15.13
N ARG A 270 9.26 -12.50 -15.40
CA ARG A 270 10.53 -13.18 -15.23
C ARG A 270 10.92 -13.33 -13.76
N THR A 271 10.43 -12.42 -12.92
CA THR A 271 10.83 -12.39 -11.50
C THR A 271 9.65 -12.51 -10.53
N ILE A 272 8.43 -12.65 -11.06
CA ILE A 272 7.21 -12.72 -10.24
C ILE A 272 7.29 -13.79 -9.13
N SER A 273 6.90 -13.41 -7.92
CA SER A 273 6.95 -14.32 -6.79
C SER A 273 5.88 -15.40 -6.92
N ALA A 274 6.13 -16.54 -6.27
CA ALA A 274 5.13 -17.62 -6.21
C ALA A 274 3.81 -17.11 -5.64
N GLN A 275 3.88 -16.29 -4.60
CA GLN A 275 2.69 -15.77 -3.92
C GLN A 275 1.82 -14.94 -4.85
N ASN A 276 2.44 -14.08 -5.65
CA ASN A 276 1.70 -13.28 -6.62
C ASN A 276 1.19 -14.11 -7.80
N MET A 277 1.98 -15.09 -8.22
CA MET A 277 1.55 -16.03 -9.26
C MET A 277 0.31 -16.80 -8.81
N ASP A 278 0.30 -17.24 -7.55
CA ASP A 278 -0.84 -17.96 -6.96
C ASP A 278 -2.14 -17.14 -6.98
N ILE A 279 -2.02 -15.83 -6.81
CA ILE A 279 -3.19 -14.96 -6.90
C ILE A 279 -3.73 -14.97 -8.33
N LEU A 280 -2.86 -14.65 -9.29
CA LEU A 280 -3.24 -14.45 -10.68
C LEU A 280 -3.68 -15.72 -11.39
N GLN A 281 -3.16 -16.86 -10.94
CA GLN A 281 -3.47 -18.16 -11.55
C GLN A 281 -4.49 -18.97 -10.74
N ASN A 282 -5.20 -18.31 -9.83
CA ASN A 282 -6.25 -18.95 -9.04
C ASN A 282 -7.36 -19.45 -9.98
N PRO A 283 -7.53 -20.78 -10.07
CA PRO A 283 -8.46 -21.37 -11.06
C PRO A 283 -9.92 -20.94 -10.87
N LEU A 284 -10.38 -20.89 -9.63
CA LEU A 284 -11.77 -20.51 -9.35
C LEU A 284 -12.01 -19.02 -9.60
N MET A 285 -11.02 -18.20 -9.25
CA MET A 285 -11.07 -16.76 -9.53
C MET A 285 -11.24 -16.53 -11.03
N ILE A 286 -10.41 -17.20 -11.83
CA ILE A 286 -10.45 -17.06 -13.27
C ILE A 286 -11.79 -17.57 -13.82
N LYS A 287 -12.26 -18.71 -13.32
CA LYS A 287 -13.56 -19.25 -13.69
C LYS A 287 -14.67 -18.21 -13.47
N ILE A 288 -14.66 -17.56 -12.30
CA ILE A 288 -15.62 -16.50 -12.00
C ILE A 288 -15.48 -15.32 -12.95
N ASN A 289 -14.26 -14.82 -13.15
CA ASN A 289 -14.04 -13.71 -14.07
C ASN A 289 -14.54 -14.03 -15.47
N GLN A 290 -14.29 -15.27 -15.90
CA GLN A 290 -14.63 -15.72 -17.25
C GLN A 290 -16.04 -16.32 -17.36
N ASP A 291 -16.91 -16.02 -16.40
CA ASP A 291 -18.27 -16.58 -16.43
C ASP A 291 -18.99 -16.23 -17.73
N PRO A 292 -19.60 -17.23 -18.39
CA PRO A 292 -20.21 -17.03 -19.71
C PRO A 292 -21.32 -15.97 -19.78
N LEU A 293 -22.02 -15.71 -18.68
CA LEU A 293 -23.09 -14.71 -18.68
C LEU A 293 -22.57 -13.28 -18.81
N GLY A 294 -21.33 -13.07 -18.35
CA GLY A 294 -20.69 -11.76 -18.44
C GLY A 294 -21.45 -10.62 -17.79
N ILE A 295 -22.10 -10.92 -16.66
CA ILE A 295 -22.83 -9.91 -15.92
C ILE A 295 -21.88 -9.24 -14.93
N GLN A 296 -21.66 -7.94 -15.11
CA GLN A 296 -20.84 -7.17 -14.20
C GLN A 296 -21.52 -7.15 -12.82
N GLY A 297 -20.72 -7.31 -11.77
CA GLY A 297 -21.21 -7.26 -10.40
C GLY A 297 -21.43 -5.85 -9.89
N ARG A 298 -21.94 -5.74 -8.66
N ARG A 298 -21.86 -5.75 -8.64
CA ARG A 298 -22.26 -4.47 -8.05
CA ARG A 298 -22.31 -4.51 -8.04
C ARG A 298 -21.82 -4.50 -6.59
C ARG A 298 -21.89 -4.50 -6.56
N ARG A 299 -21.63 -3.33 -5.99
CA ARG A 299 -21.53 -3.23 -4.54
C ARG A 299 -22.98 -3.25 -4.03
N ILE A 300 -23.30 -4.20 -3.16
CA ILE A 300 -24.68 -4.35 -2.66
C ILE A 300 -24.87 -3.85 -1.23
N HIS A 301 -23.77 -3.72 -0.50
CA HIS A 301 -23.81 -3.30 0.90
C HIS A 301 -22.59 -2.49 1.30
N LYS A 302 -22.81 -1.48 2.14
CA LYS A 302 -21.74 -0.69 2.73
C LYS A 302 -22.11 -0.39 4.18
N GLU A 303 -21.31 -0.90 5.12
CA GLU A 303 -21.62 -0.78 6.55
C GLU A 303 -20.83 0.37 7.18
N LYS A 304 -21.33 0.88 8.31
CA LYS A 304 -20.59 1.90 9.07
C LYS A 304 -19.26 1.34 9.61
N SER A 305 -19.19 0.02 9.74
CA SER A 305 -17.96 -0.69 10.11
C SER A 305 -16.91 -0.61 8.99
N LEU A 306 -17.28 -0.01 7.86
CA LEU A 306 -16.43 0.14 6.67
C LEU A 306 -16.17 -1.17 5.94
N ILE A 307 -17.02 -2.17 6.21
CA ILE A 307 -17.05 -3.39 5.40
C ILE A 307 -18.01 -3.17 4.24
N GLU A 308 -17.53 -3.45 3.03
CA GLU A 308 -18.37 -3.40 1.84
C GLU A 308 -18.61 -4.81 1.33
N VAL A 309 -19.79 -5.04 0.75
CA VAL A 309 -20.10 -6.33 0.13
C VAL A 309 -20.44 -6.14 -1.34
N TYR A 310 -19.70 -6.86 -2.19
CA TYR A 310 -19.95 -6.91 -3.61
C TYR A 310 -20.55 -8.24 -3.98
N MET A 311 -21.41 -8.24 -5.02
CA MET A 311 -22.04 -9.46 -5.51
C MET A 311 -22.04 -9.47 -7.04
N ARG A 312 -21.59 -10.59 -7.60
CA ARG A 312 -21.70 -10.82 -9.03
C ARG A 312 -22.54 -12.06 -9.32
N PRO A 313 -23.59 -11.91 -10.16
CA PRO A 313 -24.37 -13.08 -10.59
C PRO A 313 -23.60 -13.90 -11.62
N LEU A 314 -23.71 -15.22 -11.51
CA LEU A 314 -22.98 -16.16 -12.34
C LEU A 314 -23.92 -17.20 -12.94
N SER A 315 -23.39 -18.05 -13.83
CA SER A 315 -24.20 -19.11 -14.44
C SER A 315 -24.50 -20.23 -13.45
N ASN A 316 -25.52 -21.05 -13.76
CA ASN A 316 -25.95 -22.15 -12.91
C ASN A 316 -26.43 -21.71 -11.52
N LYS A 317 -27.11 -20.56 -11.48
CA LYS A 317 -27.64 -19.97 -10.24
C LYS A 317 -26.57 -19.64 -9.19
N ALA A 318 -25.31 -19.60 -9.62
CA ALA A 318 -24.21 -19.31 -8.72
C ALA A 318 -24.00 -17.81 -8.57
N SER A 319 -23.28 -17.43 -7.52
CA SER A 319 -22.96 -16.04 -7.24
C SER A 319 -21.53 -15.94 -6.73
N ALA A 320 -20.92 -14.77 -6.91
CA ALA A 320 -19.68 -14.45 -6.24
C ALA A 320 -19.93 -13.33 -5.24
N LEU A 321 -19.43 -13.51 -4.02
CA LEU A 321 -19.49 -12.49 -2.98
C LEU A 321 -18.08 -12.05 -2.60
N VAL A 322 -17.85 -10.74 -2.58
CA VAL A 322 -16.60 -10.18 -2.08
C VAL A 322 -16.88 -9.33 -0.84
N PHE A 323 -16.38 -9.79 0.30
CA PHE A 323 -16.42 -9.02 1.54
C PHE A 323 -15.12 -8.21 1.63
N PHE A 324 -15.25 -6.89 1.55
CA PHE A 324 -14.10 -6.00 1.39
C PHE A 324 -13.98 -5.04 2.56
N SER A 325 -12.82 -5.04 3.21
CA SER A 325 -12.57 -4.16 4.35
C SER A 325 -11.82 -2.90 3.95
N CYS A 326 -12.48 -1.77 4.13
CA CYS A 326 -11.83 -0.47 3.97
C CYS A 326 -11.29 0.05 5.30
N ARG A 327 -11.29 -0.80 6.32
CA ARG A 327 -10.70 -0.48 7.61
C ARG A 327 -9.19 -0.44 7.52
N THR A 328 -8.56 0.34 8.40
CA THR A 328 -7.11 0.44 8.44
C THR A 328 -6.58 0.20 9.85
N ASP A 329 -7.26 -0.70 10.58
CA ASP A 329 -6.85 -1.01 11.94
C ASP A 329 -6.33 -2.45 12.09
N MET A 330 -7.22 -3.43 12.01
CA MET A 330 -6.88 -4.83 12.26
C MET A 330 -7.92 -5.75 11.64
N PRO A 331 -7.70 -7.09 11.70
CA PRO A 331 -8.71 -8.02 11.18
C PRO A 331 -10.08 -7.74 11.80
N TYR A 332 -11.13 -7.87 11.01
CA TYR A 332 -12.48 -7.61 11.46
C TYR A 332 -13.37 -8.84 11.29
N ARG A 333 -14.08 -9.18 12.35
CA ARG A 333 -15.04 -10.28 12.33
C ARG A 333 -16.38 -9.74 11.83
N TYR A 334 -16.66 -9.98 10.55
CA TYR A 334 -17.90 -9.49 9.94
C TYR A 334 -19.00 -10.52 10.08
N HIS A 335 -20.05 -10.16 10.81
CA HIS A 335 -21.20 -11.03 11.05
C HIS A 335 -22.33 -10.69 10.10
N SER A 336 -22.84 -11.70 9.40
CA SER A 336 -23.92 -11.50 8.44
C SER A 336 -24.72 -12.78 8.20
N SER A 337 -25.62 -12.72 7.22
CA SER A 337 -26.40 -13.86 6.76
C SER A 337 -26.78 -13.57 5.31
N LEU A 338 -27.06 -14.63 4.54
CA LEU A 338 -27.44 -14.46 3.14
C LEU A 338 -28.76 -13.71 2.99
N GLY A 339 -29.66 -13.92 3.95
CA GLY A 339 -30.91 -13.15 4.03
C GLY A 339 -30.69 -11.65 4.13
N GLN A 340 -29.68 -11.25 4.89
CA GLN A 340 -29.32 -9.84 5.02
C GLN A 340 -28.65 -9.29 3.76
N LEU A 341 -28.19 -10.19 2.90
CA LEU A 341 -27.58 -9.82 1.62
C LEU A 341 -28.54 -10.07 0.46
N ASN A 342 -29.84 -10.05 0.78
CA ASN A 342 -30.94 -10.12 -0.19
C ASN A 342 -30.98 -11.36 -1.10
N PHE A 343 -30.68 -12.52 -0.51
CA PHE A 343 -30.79 -13.79 -1.23
C PHE A 343 -32.17 -14.43 -1.10
N THR A 344 -32.56 -15.23 -2.10
CA THR A 344 -33.91 -15.81 -2.20
C THR A 344 -34.15 -16.90 -1.16
N GLY A 345 -35.36 -16.92 -0.62
CA GLY A 345 -35.76 -17.84 0.46
C GLY A 345 -35.84 -19.31 0.10
N SER A 346 -35.91 -20.15 1.14
CA SER A 346 -36.04 -21.61 1.03
C SER A 346 -34.85 -22.37 0.41
N VAL A 347 -34.01 -21.65 -0.35
CA VAL A 347 -32.83 -22.26 -0.98
C VAL A 347 -31.73 -22.48 0.05
N ILE A 348 -31.13 -23.67 0.01
CA ILE A 348 -29.95 -23.97 0.82
C ILE A 348 -28.71 -23.80 -0.07
N TYR A 349 -27.71 -23.10 0.46
CA TYR A 349 -26.51 -22.75 -0.30
C TYR A 349 -25.25 -23.43 0.24
N GLU A 350 -24.21 -23.41 -0.60
CA GLU A 350 -22.88 -23.82 -0.20
C GLU A 350 -21.88 -22.84 -0.80
N ALA A 351 -20.81 -22.57 -0.06
CA ALA A 351 -19.82 -21.58 -0.47
C ALA A 351 -18.42 -22.14 -0.43
N GLN A 352 -17.63 -21.82 -1.45
CA GLN A 352 -16.20 -22.07 -1.41
C GLN A 352 -15.47 -20.74 -1.31
N ASP A 353 -14.61 -20.65 -0.28
CA ASP A 353 -13.70 -19.52 -0.14
C ASP A 353 -12.70 -19.58 -1.29
N VAL A 354 -12.68 -18.54 -2.12
CA VAL A 354 -11.88 -18.54 -3.34
C VAL A 354 -10.37 -18.62 -3.03
N TYR A 355 -9.93 -17.97 -1.96
CA TYR A 355 -8.51 -17.95 -1.61
C TYR A 355 -8.03 -19.11 -0.73
N SER A 356 -8.86 -19.56 0.19
CA SER A 356 -8.45 -20.65 1.09
C SER A 356 -8.86 -22.04 0.58
N GLY A 357 -9.89 -22.10 -0.25
CA GLY A 357 -10.41 -23.36 -0.74
C GLY A 357 -11.41 -24.03 0.19
N ASP A 358 -11.55 -23.49 1.40
CA ASP A 358 -12.49 -23.99 2.40
C ASP A 358 -13.95 -23.93 1.94
N ILE A 359 -14.72 -24.94 2.32
CA ILE A 359 -16.12 -25.04 1.92
C ILE A 359 -17.05 -24.86 3.12
N ILE A 360 -17.94 -23.88 3.01
CA ILE A 360 -18.97 -23.64 4.02
C ILE A 360 -20.31 -24.12 3.45
N SER A 361 -20.92 -25.11 4.10
CA SER A 361 -22.09 -25.79 3.56
C SER A 361 -23.34 -25.64 4.44
N GLY A 362 -24.50 -25.88 3.84
CA GLY A 362 -25.78 -25.81 4.54
C GLY A 362 -26.18 -24.42 5.00
N LEU A 363 -25.93 -23.42 4.16
CA LEU A 363 -26.29 -22.04 4.47
C LEU A 363 -27.69 -21.68 3.99
N ARG A 364 -28.61 -21.52 4.93
CA ARG A 364 -29.93 -20.98 4.62
C ARG A 364 -29.84 -19.45 4.75
N ASP A 365 -30.86 -18.75 4.29
CA ASP A 365 -30.91 -17.29 4.39
C ASP A 365 -30.72 -16.79 5.82
N GLU A 366 -31.31 -17.49 6.78
CA GLU A 366 -31.30 -17.09 8.19
C GLU A 366 -30.02 -17.49 8.90
N THR A 367 -29.20 -18.34 8.27
CA THR A 367 -27.97 -18.82 8.89
C THR A 367 -26.97 -17.69 9.08
N ASN A 368 -26.63 -17.43 10.35
CA ASN A 368 -25.61 -16.45 10.68
C ASN A 368 -24.22 -17.03 10.39
N PHE A 369 -23.40 -16.24 9.71
CA PHE A 369 -22.01 -16.61 9.49
C PHE A 369 -21.08 -15.46 9.86
N THR A 370 -19.81 -15.79 10.05
CA THR A 370 -18.78 -14.80 10.33
C THR A 370 -17.63 -15.00 9.33
N VAL A 371 -17.18 -13.90 8.74
CA VAL A 371 -15.96 -13.90 7.93
C VAL A 371 -14.94 -12.93 8.54
N ILE A 372 -13.69 -13.37 8.58
CA ILE A 372 -12.61 -12.56 9.15
C ILE A 372 -11.89 -11.88 8.00
N ILE A 373 -12.02 -10.55 7.95
CA ILE A 373 -11.45 -9.76 6.85
C ILE A 373 -10.33 -8.87 7.34
N ASN A 374 -9.18 -8.94 6.67
CA ASN A 374 -8.02 -8.12 7.00
C ASN A 374 -8.10 -6.73 6.40
N PRO A 375 -7.47 -5.72 7.06
CA PRO A 375 -7.49 -4.34 6.58
C PRO A 375 -7.00 -4.23 5.15
N SER A 376 -7.70 -3.43 4.33
CA SER A 376 -7.44 -3.30 2.90
C SER A 376 -7.40 -4.66 2.18
N GLY A 377 -8.20 -5.60 2.68
CA GLY A 377 -8.24 -6.95 2.14
C GLY A 377 -9.65 -7.47 1.91
N VAL A 378 -9.75 -8.71 1.43
CA VAL A 378 -11.04 -9.31 1.11
C VAL A 378 -11.19 -10.73 1.63
N VAL A 379 -12.44 -11.17 1.72
CA VAL A 379 -12.80 -12.58 1.75
C VAL A 379 -13.74 -12.75 0.55
N MET A 380 -13.50 -13.78 -0.26
CA MET A 380 -14.31 -14.01 -1.46
C MET A 380 -14.94 -15.40 -1.43
N TRP A 381 -16.24 -15.45 -1.66
CA TRP A 381 -17.00 -16.70 -1.72
C TRP A 381 -17.53 -16.95 -3.12
N TYR A 382 -17.41 -18.20 -3.57
CA TYR A 382 -18.16 -18.68 -4.72
C TYR A 382 -19.35 -19.45 -4.13
N LEU A 383 -20.56 -18.95 -4.42
CA LEU A 383 -21.76 -19.42 -3.74
C LEU A 383 -22.75 -20.04 -4.72
N TYR A 384 -23.31 -21.19 -4.36
CA TYR A 384 -24.21 -21.96 -5.24
C TYR A 384 -25.28 -22.71 -4.42
N PRO A 385 -26.47 -22.89 -4.99
CA PRO A 385 -27.49 -23.71 -4.33
C PRO A 385 -27.09 -25.18 -4.31
N ILE A 386 -27.48 -25.88 -3.25
CA ILE A 386 -27.27 -27.34 -3.18
C ILE A 386 -28.60 -28.08 -2.96
N LYS A 387 -28.74 -29.23 -3.61
CA LYS A 387 -29.95 -30.05 -3.53
C LYS A 387 -29.78 -31.18 -2.53
N LEU B 1 13.06 15.75 28.58
CA LEU B 1 12.94 15.55 30.04
C LEU B 1 14.26 15.03 30.62
N ASP B 2 14.78 15.76 31.60
CA ASP B 2 16.10 15.49 32.20
C ASP B 2 16.02 14.41 33.30
N ASN B 3 15.53 13.23 32.94
CA ASN B 3 15.35 12.15 33.90
C ASN B 3 16.32 10.98 33.71
N GLY B 4 17.34 11.20 32.89
CA GLY B 4 18.35 10.18 32.61
C GLY B 4 17.94 9.14 31.58
N LEU B 5 16.70 9.21 31.11
CA LEU B 5 16.16 8.19 30.22
C LEU B 5 16.12 8.64 28.77
N LEU B 6 16.13 7.65 27.87
CA LEU B 6 15.94 7.85 26.44
C LEU B 6 16.92 8.86 25.84
N GLN B 7 18.20 8.67 26.16
CA GLN B 7 19.29 9.43 25.54
C GLN B 7 19.36 9.13 24.04
N THR B 8 18.75 8.01 23.65
CA THR B 8 18.50 7.66 22.26
C THR B 8 17.00 7.33 22.16
N PRO B 9 16.42 7.38 20.93
CA PRO B 9 14.98 7.11 20.82
C PRO B 9 14.60 5.75 21.42
N PRO B 10 13.42 5.66 22.05
CA PRO B 10 13.00 4.38 22.64
C PRO B 10 12.72 3.36 21.54
N MET B 11 13.06 2.10 21.81
CA MET B 11 12.79 1.00 20.91
C MET B 11 11.98 -0.03 21.66
N GLY B 12 10.94 -0.54 21.02
CA GLY B 12 10.13 -1.57 21.64
C GLY B 12 8.89 -1.92 20.85
N TRP B 13 7.85 -2.27 21.59
CA TRP B 13 6.60 -2.78 21.04
C TRP B 13 5.45 -2.14 21.80
N LEU B 14 4.46 -1.68 21.06
CA LEU B 14 3.27 -1.03 21.62
C LEU B 14 2.04 -1.76 21.07
N ALA B 15 1.07 -2.04 21.94
CA ALA B 15 -0.08 -2.88 21.57
C ALA B 15 -1.08 -2.25 20.59
N TRP B 16 -1.15 -0.93 20.56
CA TRP B 16 -2.30 -0.25 19.95
C TRP B 16 -2.57 -0.52 18.48
N GLU B 17 -1.62 -0.20 17.60
CA GLU B 17 -1.91 -0.23 16.17
C GLU B 17 -2.45 -1.59 15.70
N ARG B 18 -1.81 -2.67 16.13
CA ARG B 18 -2.17 -4.00 15.65
C ARG B 18 -3.34 -4.63 16.40
N PHE B 19 -3.40 -4.40 17.71
CA PHE B 19 -4.37 -5.12 18.54
C PHE B 19 -5.50 -4.23 19.08
N ARG B 20 -5.29 -2.91 19.02
CA ARG B 20 -6.35 -1.93 19.28
C ARG B 20 -7.10 -2.16 20.60
N CYS B 21 -8.42 -2.07 20.57
CA CYS B 21 -9.24 -2.25 21.76
C CYS B 21 -10.00 -3.58 21.74
N ASN B 22 -9.32 -4.64 21.31
CA ASN B 22 -9.91 -5.98 21.28
C ASN B 22 -9.94 -6.60 22.68
N ILE B 23 -11.14 -6.68 23.25
CA ILE B 23 -11.33 -7.19 24.62
C ILE B 23 -12.13 -8.49 24.64
N ASN B 24 -12.49 -8.99 23.46
CA ASN B 24 -13.27 -10.22 23.35
C ASN B 24 -12.37 -11.45 23.46
N CYS B 25 -12.01 -11.79 24.71
CA CYS B 25 -11.13 -12.93 24.95
C CYS B 25 -11.84 -14.28 24.83
N ASP B 26 -13.16 -14.27 24.99
CA ASP B 26 -13.96 -15.50 24.84
C ASP B 26 -13.89 -16.06 23.43
N GLU B 27 -14.03 -15.17 22.44
CA GLU B 27 -14.00 -15.53 21.02
C GLU B 27 -12.60 -15.44 20.42
N ASP B 28 -11.77 -14.57 20.99
CA ASP B 28 -10.47 -14.26 20.41
C ASP B 28 -9.37 -14.21 21.48
N PRO B 29 -9.12 -15.34 22.19
CA PRO B 29 -8.19 -15.35 23.32
C PRO B 29 -6.73 -15.08 22.96
N LYS B 30 -6.37 -15.31 21.69
CA LYS B 30 -4.99 -15.18 21.27
C LYS B 30 -4.64 -13.75 20.86
N ASN B 31 -5.66 -12.94 20.56
CA ASN B 31 -5.45 -11.57 20.07
C ASN B 31 -6.03 -10.44 20.93
N CYS B 32 -6.75 -10.80 21.99
CA CYS B 32 -7.34 -9.79 22.87
C CYS B 32 -6.29 -9.14 23.75
N ILE B 33 -6.60 -7.93 24.23
CA ILE B 33 -5.75 -7.22 25.19
C ILE B 33 -5.82 -7.94 26.54
N SER B 34 -4.74 -8.67 26.87
CA SER B 34 -4.70 -9.49 28.07
C SER B 34 -3.26 -9.70 28.51
N GLU B 35 -3.07 -10.19 29.73
CA GLU B 35 -1.72 -10.44 30.24
C GLU B 35 -0.98 -11.50 29.39
N GLN B 36 -1.74 -12.48 28.90
CA GLN B 36 -1.23 -13.51 28.01
C GLN B 36 -0.58 -12.90 26.75
N LEU B 37 -1.28 -11.97 26.11
CA LEU B 37 -0.75 -11.28 24.94
C LEU B 37 0.62 -10.70 25.22
N PHE B 38 0.72 -9.92 26.30
CA PHE B 38 1.95 -9.22 26.65
C PHE B 38 3.06 -10.19 27.07
N MET B 39 2.69 -11.24 27.79
CA MET B 39 3.66 -12.27 28.20
C MET B 39 4.25 -12.99 26.99
N GLU B 40 3.40 -13.31 26.02
CA GLU B 40 3.83 -13.97 24.78
C GLU B 40 4.72 -13.09 23.93
N MET B 41 4.42 -11.79 23.87
CA MET B 41 5.25 -10.84 23.13
C MET B 41 6.61 -10.66 23.81
N ALA B 42 6.61 -10.64 25.15
CA ALA B 42 7.82 -10.57 25.93
C ALA B 42 8.75 -11.75 25.62
N ASP B 43 8.18 -12.96 25.60
CA ASP B 43 8.92 -14.16 25.23
C ASP B 43 9.55 -14.02 23.85
N ARG B 44 8.76 -13.56 22.89
CA ARG B 44 9.24 -13.34 21.52
C ARG B 44 10.39 -12.32 21.49
N MET B 45 10.24 -11.25 22.27
CA MET B 45 11.26 -10.21 22.32
C MET B 45 12.57 -10.70 22.92
N ALA B 46 12.47 -11.56 23.93
CA ALA B 46 13.63 -12.17 24.57
C ALA B 46 14.30 -13.24 23.70
N GLN B 47 13.49 -14.06 23.03
CA GLN B 47 14.00 -15.22 22.28
C GLN B 47 14.39 -14.95 20.82
N ASP B 48 13.74 -13.98 20.19
CA ASP B 48 13.86 -13.79 18.73
C ASP B 48 14.81 -12.67 18.30
N GLY B 49 15.63 -12.20 19.24
CA GLY B 49 16.66 -11.22 18.92
C GLY B 49 16.26 -9.77 19.14
N TRP B 50 14.98 -9.52 19.39
CA TRP B 50 14.45 -8.16 19.55
C TRP B 50 15.15 -7.39 20.66
N ARG B 51 15.16 -7.95 21.87
CA ARG B 51 15.79 -7.32 23.02
C ARG B 51 17.28 -7.09 22.78
N ASP B 52 17.96 -8.13 22.30
CA ASP B 52 19.40 -8.06 22.02
C ASP B 52 19.74 -6.98 20.98
N MET B 53 18.79 -6.68 20.10
CA MET B 53 18.98 -5.65 19.08
C MET B 53 18.62 -4.25 19.59
N GLY B 54 18.03 -4.18 20.79
CA GLY B 54 17.74 -2.90 21.43
C GLY B 54 16.27 -2.62 21.69
N TYR B 55 15.40 -3.50 21.21
CA TYR B 55 13.96 -3.37 21.47
C TYR B 55 13.68 -3.80 22.90
N THR B 56 13.57 -2.82 23.80
CA THR B 56 13.49 -3.10 25.24
C THR B 56 12.13 -2.84 25.85
N TYR B 57 11.36 -1.90 25.28
CA TYR B 57 10.06 -1.55 25.85
C TYR B 57 8.92 -2.43 25.34
N LEU B 58 8.09 -2.88 26.27
CA LEU B 58 6.90 -3.66 25.97
C LEU B 58 5.75 -2.88 26.58
N ASN B 59 4.99 -2.17 25.73
CA ASN B 59 4.05 -1.17 26.21
C ASN B 59 2.58 -1.52 26.04
N ILE B 60 1.84 -1.42 27.15
CA ILE B 60 0.39 -1.51 27.17
C ILE B 60 -0.18 -0.18 26.71
N ASP B 61 -1.22 -0.23 25.87
CA ASP B 61 -1.93 0.99 25.47
C ASP B 61 -3.34 0.96 26.10
N ASP B 62 -4.30 1.57 25.43
CA ASP B 62 -5.68 1.70 25.94
C ASP B 62 -6.36 0.35 26.17
N CYS B 63 -7.43 0.37 26.96
CA CYS B 63 -8.35 -0.77 27.22
C CYS B 63 -7.82 -1.83 28.19
N TRP B 64 -6.87 -1.46 29.04
CA TRP B 64 -6.34 -2.38 30.05
C TRP B 64 -7.06 -2.26 31.39
N ILE B 65 -7.69 -1.11 31.63
CA ILE B 65 -8.23 -0.78 32.94
C ILE B 65 -9.52 -1.52 33.25
N GLY B 66 -9.60 -2.08 34.44
CA GLY B 66 -10.83 -2.68 34.95
C GLY B 66 -11.68 -1.60 35.61
N GLY B 67 -11.09 -0.89 36.56
CA GLY B 67 -11.76 0.23 37.24
C GLY B 67 -10.86 0.84 38.30
N ARG B 68 -11.47 1.52 39.26
CA ARG B 68 -10.77 1.99 40.44
C ARG B 68 -11.38 1.33 41.67
N ASP B 69 -10.52 0.94 42.61
CA ASP B 69 -10.99 0.33 43.85
C ASP B 69 -11.64 1.37 44.77
N ALA B 70 -12.04 0.95 45.98
CA ALA B 70 -12.67 1.83 46.96
C ALA B 70 -11.80 3.03 47.38
N SER B 71 -10.48 2.91 47.21
CA SER B 71 -9.54 3.98 47.53
C SER B 71 -9.15 4.83 46.33
N GLY B 72 -9.74 4.54 45.17
CA GLY B 72 -9.49 5.29 43.94
C GLY B 72 -8.30 4.80 43.12
N ARG B 73 -7.71 3.69 43.54
CA ARG B 73 -6.52 3.12 42.91
C ARG B 73 -6.89 2.33 41.67
N LEU B 74 -6.24 2.66 40.54
CA LEU B 74 -6.48 1.95 39.29
C LEU B 74 -6.25 0.45 39.45
N MET B 75 -7.08 -0.33 38.79
CA MET B 75 -6.88 -1.77 38.72
C MET B 75 -7.09 -2.25 37.28
N PRO B 76 -6.29 -3.24 36.84
CA PRO B 76 -6.47 -3.78 35.49
C PRO B 76 -7.73 -4.64 35.45
N ASP B 77 -8.22 -4.94 34.26
CA ASP B 77 -9.36 -5.84 34.10
C ASP B 77 -9.02 -7.19 34.73
N PRO B 78 -9.79 -7.59 35.77
CA PRO B 78 -9.49 -8.80 36.53
C PRO B 78 -9.52 -10.08 35.67
N LYS B 79 -10.44 -10.14 34.72
CA LYS B 79 -10.56 -11.30 33.82
C LYS B 79 -9.43 -11.39 32.80
N ARG B 80 -8.98 -10.25 32.31
CA ARG B 80 -7.95 -10.21 31.27
C ARG B 80 -6.52 -10.07 31.82
N PHE B 81 -6.41 -9.53 33.03
CA PHE B 81 -5.12 -9.44 33.73
C PHE B 81 -5.23 -10.05 35.14
N PRO B 82 -5.45 -11.38 35.23
CA PRO B 82 -5.77 -12.01 36.52
C PRO B 82 -4.67 -11.93 37.58
N HIS B 83 -3.41 -11.94 37.16
CA HIS B 83 -2.29 -11.92 38.10
C HIS B 83 -1.93 -10.49 38.56
N GLY B 84 -2.47 -9.49 37.88
CA GLY B 84 -2.20 -8.08 38.19
C GLY B 84 -1.00 -7.52 37.45
N ILE B 85 -0.84 -6.20 37.49
CA ILE B 85 0.24 -5.52 36.77
C ILE B 85 1.65 -5.71 37.39
N PRO B 86 1.75 -5.74 38.75
CA PRO B 86 3.07 -6.03 39.34
C PRO B 86 3.68 -7.34 38.82
N PHE B 87 2.85 -8.39 38.75
CA PHE B 87 3.26 -9.69 38.22
C PHE B 87 3.77 -9.58 36.78
N LEU B 88 3.02 -8.87 35.94
CA LEU B 88 3.41 -8.68 34.54
C LEU B 88 4.74 -7.93 34.45
N ALA B 89 4.88 -6.86 35.25
CA ALA B 89 6.10 -6.08 35.31
C ALA B 89 7.29 -6.94 35.73
N ASP B 90 7.07 -7.79 36.73
CA ASP B 90 8.08 -8.74 37.20
C ASP B 90 8.49 -9.67 36.07
N TYR B 91 7.51 -10.25 35.39
CA TYR B 91 7.78 -11.14 34.27
C TYR B 91 8.61 -10.45 33.20
N VAL B 92 8.20 -9.24 32.84
CA VAL B 92 8.87 -8.43 31.83
C VAL B 92 10.29 -8.09 32.27
N HIS B 93 10.47 -7.72 33.53
CA HIS B 93 11.79 -7.41 34.09
C HIS B 93 12.75 -8.61 34.08
N SER B 94 12.21 -9.79 34.37
CA SER B 94 13.01 -11.02 34.42
C SER B 94 13.60 -11.38 33.05
N LEU B 95 12.92 -10.97 31.98
CA LEU B 95 13.40 -11.20 30.62
C LEU B 95 14.27 -10.06 30.10
N GLY B 96 14.63 -9.13 31.00
CA GLY B 96 15.50 -8.01 30.65
C GLY B 96 14.79 -6.96 29.81
N LEU B 97 13.48 -6.84 30.00
CA LEU B 97 12.67 -5.87 29.27
C LEU B 97 12.07 -4.82 30.21
N LYS B 98 11.47 -3.80 29.61
CA LYS B 98 10.85 -2.72 30.38
C LYS B 98 9.36 -2.64 30.07
N LEU B 99 8.55 -2.33 31.09
CA LEU B 99 7.09 -2.28 30.91
C LEU B 99 6.55 -0.85 30.79
N GLY B 100 5.83 -0.60 29.71
CA GLY B 100 5.15 0.68 29.52
C GLY B 100 3.68 0.53 29.79
N ILE B 101 3.06 1.60 30.28
CA ILE B 101 1.63 1.57 30.55
C ILE B 101 0.97 2.82 29.96
N TYR B 102 -0.35 2.88 30.07
CA TYR B 102 -1.13 3.90 29.40
C TYR B 102 -2.13 4.54 30.35
N ALA B 103 -2.30 5.85 30.21
CA ALA B 103 -3.33 6.59 30.94
C ALA B 103 -3.81 7.75 30.07
N ASP B 104 -4.88 8.39 30.48
CA ASP B 104 -5.41 9.53 29.74
C ASP B 104 -5.61 10.73 30.65
N MET B 105 -5.08 11.88 30.22
CA MET B 105 -5.25 13.14 30.93
C MET B 105 -6.61 13.71 30.58
N GLY B 106 -7.62 13.32 31.35
CA GLY B 106 -9.01 13.71 31.10
C GLY B 106 -9.98 12.78 31.80
N ASN B 107 -11.27 12.94 31.49
CA ASN B 107 -12.34 12.17 32.13
C ASN B 107 -12.28 10.68 31.83
N PHE B 108 -11.97 10.35 30.58
CA PHE B 108 -11.90 8.97 30.12
C PHE B 108 -10.74 8.82 29.15
N THR B 109 -10.26 7.59 28.99
CA THR B 109 -9.33 7.29 27.89
C THR B 109 -10.10 7.41 26.58
N CYS B 110 -9.39 7.46 25.47
CA CYS B 110 -10.04 7.60 24.16
C CYS B 110 -11.10 6.52 23.90
N MET B 111 -10.89 5.32 24.45
CA MET B 111 -11.86 4.23 24.29
C MET B 111 -12.89 4.14 25.42
N GLY B 112 -12.94 5.17 26.25
CA GLY B 112 -13.95 5.31 27.30
C GLY B 112 -13.64 4.66 28.64
N TYR B 113 -12.38 4.27 28.83
CA TYR B 113 -11.95 3.65 30.09
C TYR B 113 -11.67 4.74 31.15
N PRO B 114 -11.59 4.35 32.43
CA PRO B 114 -11.41 5.37 33.49
C PRO B 114 -10.23 6.31 33.23
N GLY B 115 -10.50 7.61 33.23
CA GLY B 115 -9.48 8.61 32.96
C GLY B 115 -8.70 9.03 34.18
N THR B 116 -7.49 9.54 33.93
CA THR B 116 -6.67 10.14 34.96
C THR B 116 -6.96 11.63 34.97
N THR B 117 -7.97 12.01 35.77
CA THR B 117 -8.34 13.41 35.95
C THR B 117 -7.27 14.10 36.82
N LEU B 118 -7.35 15.42 36.93
CA LEU B 118 -6.37 16.21 37.69
C LEU B 118 -6.21 15.76 39.15
N ASP B 119 -7.31 15.34 39.77
CA ASP B 119 -7.25 14.88 41.16
C ASP B 119 -6.74 13.44 41.31
N LYS B 120 -6.48 12.77 40.18
CA LYS B 120 -5.97 11.41 40.18
C LYS B 120 -4.51 11.31 39.69
N VAL B 121 -4.00 12.39 39.13
CA VAL B 121 -2.65 12.43 38.56
C VAL B 121 -1.60 11.85 39.51
N VAL B 122 -1.53 12.39 40.73
CA VAL B 122 -0.55 11.96 41.73
C VAL B 122 -0.74 10.49 42.11
N GLN B 123 -1.96 10.12 42.47
CA GLN B 123 -2.28 8.74 42.86
C GLN B 123 -1.95 7.74 41.76
N ASP B 124 -2.26 8.09 40.52
CA ASP B 124 -1.95 7.21 39.41
C ASP B 124 -0.44 7.07 39.17
N ALA B 125 0.28 8.19 39.30
CA ALA B 125 1.74 8.16 39.19
C ALA B 125 2.37 7.26 40.24
N GLN B 126 1.90 7.37 41.48
CA GLN B 126 2.40 6.57 42.58
C GLN B 126 2.10 5.09 42.39
N THR B 127 0.90 4.81 41.90
CA THR B 127 0.48 3.46 41.53
C THR B 127 1.42 2.85 40.49
N PHE B 128 1.69 3.59 39.42
CA PHE B 128 2.58 3.09 38.35
C PHE B 128 3.99 2.82 38.85
N ALA B 129 4.51 3.71 39.69
CA ALA B 129 5.84 3.52 40.29
C ALA B 129 5.87 2.29 41.18
N GLU B 130 4.83 2.13 42.00
CA GLU B 130 4.72 0.98 42.91
C GLU B 130 4.64 -0.32 42.14
N TRP B 131 3.99 -0.29 40.98
CA TRP B 131 3.90 -1.45 40.09
C TRP B 131 5.23 -1.73 39.38
N LYS B 132 6.16 -0.78 39.46
CA LYS B 132 7.47 -0.86 38.80
C LYS B 132 7.38 -0.74 37.26
N VAL B 133 6.46 0.11 36.82
CA VAL B 133 6.34 0.52 35.42
C VAL B 133 7.55 1.37 35.02
N ASP B 134 7.94 1.30 33.75
CA ASP B 134 9.14 1.98 33.26
C ASP B 134 8.85 3.09 32.25
N MET B 135 7.62 3.11 31.75
CA MET B 135 7.21 4.09 30.76
C MET B 135 5.73 4.36 30.89
N LEU B 136 5.35 5.61 30.65
CA LEU B 136 3.95 6.01 30.62
C LEU B 136 3.66 6.80 29.36
N LYS B 137 2.63 6.36 28.63
CA LYS B 137 2.04 7.15 27.55
C LYS B 137 0.79 7.82 28.10
N LEU B 138 0.74 9.15 28.01
CA LEU B 138 -0.40 9.89 28.54
C LEU B 138 -1.18 10.55 27.41
N ASP B 139 -2.33 9.96 27.11
CA ASP B 139 -3.25 10.45 26.09
C ASP B 139 -4.02 11.66 26.63
N GLY B 140 -4.70 12.38 25.73
CA GLY B 140 -5.42 13.60 26.12
C GLY B 140 -6.84 13.72 25.63
N CYS B 141 -7.52 12.58 25.45
CA CYS B 141 -8.94 12.57 25.11
C CYS B 141 -9.79 13.04 26.30
N PHE B 142 -11.00 13.52 26.00
CA PHE B 142 -11.97 13.93 27.03
C PHE B 142 -11.40 14.93 28.05
N SER B 143 -10.73 15.95 27.53
CA SER B 143 -10.17 17.03 28.34
C SER B 143 -10.24 18.36 27.60
N THR B 144 -10.08 19.45 28.36
CA THR B 144 -10.03 20.79 27.79
C THR B 144 -8.57 21.22 27.61
N PRO B 145 -8.33 22.25 26.78
CA PRO B 145 -6.96 22.79 26.63
C PRO B 145 -6.33 23.22 27.95
N GLU B 146 -7.14 23.79 28.85
CA GLU B 146 -6.65 24.23 30.16
C GLU B 146 -6.27 23.04 31.05
N GLU B 147 -7.05 21.97 30.99
CA GLU B 147 -6.78 20.75 31.76
C GLU B 147 -5.48 20.07 31.33
N ARG B 148 -5.21 20.08 30.02
CA ARG B 148 -3.95 19.54 29.48
C ARG B 148 -2.77 20.43 29.86
N ALA B 149 -2.96 21.74 29.80
CA ALA B 149 -1.92 22.72 30.17
C ALA B 149 -1.50 22.57 31.63
N GLN B 150 -2.44 22.14 32.46
CA GLN B 150 -2.20 21.89 33.88
C GLN B 150 -1.71 20.45 34.11
N GLY B 151 -2.37 19.51 33.44
CA GLY B 151 -2.22 18.09 33.73
C GLY B 151 -0.91 17.46 33.29
N TYR B 152 -0.46 17.80 32.09
CA TYR B 152 0.80 17.24 31.58
C TYR B 152 2.02 17.63 32.45
N PRO B 153 2.16 18.92 32.80
CA PRO B 153 3.22 19.26 33.77
C PRO B 153 2.96 18.65 35.15
N LYS B 154 1.70 18.50 35.52
CA LYS B 154 1.35 17.90 36.82
C LYS B 154 1.83 16.46 36.89
N MET B 155 1.62 15.69 35.82
CA MET B 155 2.06 14.30 35.73
C MET B 155 3.58 14.17 35.73
N ALA B 156 4.26 15.04 34.97
CA ALA B 156 5.73 15.04 34.96
C ALA B 156 6.29 15.26 36.36
N ALA B 157 5.72 16.22 37.09
CA ALA B 157 6.11 16.50 38.47
C ALA B 157 5.82 15.28 39.37
N ALA B 158 4.63 14.71 39.20
CA ALA B 158 4.20 13.54 39.99
C ALA B 158 5.12 12.33 39.78
N LEU B 159 5.46 12.06 38.52
CA LEU B 159 6.38 10.96 38.18
C LEU B 159 7.74 11.17 38.81
N ASN B 160 8.25 12.40 38.72
CA ASN B 160 9.52 12.76 39.33
C ASN B 160 9.51 12.51 40.85
N ALA B 161 8.43 12.90 41.50
CA ALA B 161 8.30 12.79 42.95
C ALA B 161 8.27 11.36 43.47
N THR B 162 7.90 10.40 42.61
CA THR B 162 7.88 8.99 43.00
C THR B 162 9.29 8.45 43.23
N GLY B 163 10.27 9.09 42.60
CA GLY B 163 11.66 8.66 42.69
C GLY B 163 12.05 7.63 41.65
N ARG B 164 11.05 7.00 41.03
CA ARG B 164 11.31 6.00 39.99
C ARG B 164 11.43 6.64 38.60
N PRO B 165 12.55 6.38 37.89
CA PRO B 165 12.66 6.82 36.50
C PRO B 165 11.59 6.16 35.62
N ILE B 166 10.72 6.98 35.06
CA ILE B 166 9.64 6.51 34.20
C ILE B 166 9.63 7.35 32.93
N ALA B 167 9.89 6.71 31.80
CA ALA B 167 9.92 7.40 30.52
C ALA B 167 8.53 7.97 30.28
N PHE B 168 8.48 9.23 29.88
CA PHE B 168 7.21 9.95 29.77
C PHE B 168 6.91 10.34 28.32
N SER B 169 5.88 9.69 27.76
CA SER B 169 5.41 9.93 26.41
C SER B 169 4.13 10.76 26.47
N CYS B 170 4.15 11.95 25.85
CA CYS B 170 3.04 12.91 25.94
C CYS B 170 2.34 13.11 24.61
N SER B 171 1.03 12.98 24.61
CA SER B 171 0.24 13.22 23.40
C SER B 171 -0.23 14.67 23.30
N TRP B 172 0.11 15.47 24.32
CA TRP B 172 -0.34 16.86 24.43
C TRP B 172 -0.33 17.66 23.12
N PRO B 173 0.83 17.77 22.43
CA PRO B 173 0.86 18.64 21.24
C PRO B 173 -0.11 18.24 20.10
N ALA B 174 -0.38 16.95 19.96
CA ALA B 174 -1.29 16.44 18.92
C ALA B 174 -2.71 17.03 19.04
N TYR B 175 -3.13 17.30 20.28
CA TYR B 175 -4.45 17.87 20.53
C TYR B 175 -4.50 19.39 20.29
N GLU B 176 -3.34 20.01 20.15
CA GLU B 176 -3.23 21.46 19.99
C GLU B 176 -2.77 21.88 18.58
N GLY B 177 -2.75 20.91 17.67
CA GLY B 177 -2.33 21.17 16.29
C GLY B 177 -0.85 20.97 16.04
N GLY B 178 -0.10 20.70 17.11
CA GLY B 178 1.32 20.33 17.01
C GLY B 178 2.28 21.45 16.66
N LEU B 179 1.80 22.69 16.64
CA LEU B 179 2.60 23.83 16.20
C LEU B 179 2.51 25.04 17.15
N PRO B 180 3.56 25.89 17.18
CA PRO B 180 3.49 27.19 17.86
C PRO B 180 2.48 28.10 17.16
N PRO B 181 1.88 29.06 17.90
CA PRO B 181 2.11 29.35 19.31
C PRO B 181 1.35 28.46 20.29
N ARG B 182 0.38 27.69 19.79
CA ARG B 182 -0.43 26.82 20.65
C ARG B 182 0.42 25.76 21.36
N VAL B 183 1.43 25.25 20.68
CA VAL B 183 2.38 24.31 21.28
C VAL B 183 3.68 25.03 21.64
N GLN B 184 4.11 24.87 22.88
CA GLN B 184 5.39 25.41 23.34
C GLN B 184 6.39 24.27 23.48
N TYR B 185 7.23 24.09 22.45
CA TYR B 185 8.14 22.95 22.40
C TYR B 185 9.28 22.99 23.42
N SER B 186 9.66 24.21 23.82
CA SER B 186 10.62 24.39 24.91
C SER B 186 10.11 23.78 26.21
N LEU B 187 8.83 24.00 26.52
CA LEU B 187 8.23 23.40 27.71
C LEU B 187 8.12 21.87 27.56
N LEU B 188 7.61 21.41 26.43
CA LEU B 188 7.49 19.96 26.17
C LEU B 188 8.80 19.22 26.39
N ALA B 189 9.88 19.77 25.86
CA ALA B 189 11.22 19.20 26.01
C ALA B 189 11.63 19.06 27.48
N ASP B 190 11.21 20.02 28.30
CA ASP B 190 11.50 20.01 29.72
C ASP B 190 10.66 19.01 30.52
N ILE B 191 9.46 18.70 30.04
CA ILE B 191 8.55 17.84 30.79
C ILE B 191 8.32 16.42 30.26
N CYS B 192 8.67 16.17 28.99
CA CYS B 192 8.44 14.85 28.35
C CYS B 192 9.69 14.28 27.68
N ASN B 193 9.79 12.96 27.67
CA ASN B 193 10.85 12.24 26.94
C ASN B 193 10.58 12.12 25.45
N LEU B 194 9.30 12.15 25.10
CA LEU B 194 8.86 12.12 23.70
C LEU B 194 7.40 12.58 23.64
N TRP B 195 6.99 13.05 22.49
CA TRP B 195 5.64 13.57 22.32
C TRP B 195 5.10 13.25 20.94
N ARG B 196 3.84 12.84 20.91
CA ARG B 196 3.12 12.63 19.67
C ARG B 196 2.68 14.00 19.12
N ASN B 197 3.31 14.42 18.03
CA ASN B 197 3.04 15.75 17.44
C ASN B 197 1.76 15.80 16.62
N TYR B 198 1.38 14.65 16.07
CA TYR B 198 0.45 14.63 14.95
C TYR B 198 -0.53 13.45 15.02
N ASP B 199 -1.27 13.24 13.93
CA ASP B 199 -2.36 12.27 13.87
C ASP B 199 -1.90 10.85 14.13
N ASP B 200 -2.80 10.06 14.71
CA ASP B 200 -2.59 8.62 14.85
C ASP B 200 -2.28 7.99 13.51
N ILE B 201 -1.24 7.17 13.46
CA ILE B 201 -0.94 6.39 12.27
C ILE B 201 -2.01 5.30 12.08
N GLN B 202 -2.33 5.01 10.83
CA GLN B 202 -3.22 3.89 10.50
C GLN B 202 -2.47 2.97 9.53
N ASP B 203 -2.96 1.73 9.40
CA ASP B 203 -2.29 0.72 8.58
C ASP B 203 -2.48 0.97 7.08
N SER B 204 -1.87 2.04 6.57
CA SER B 204 -1.93 2.38 5.15
C SER B 204 -0.75 3.25 4.78
N TRP B 205 -0.36 3.18 3.51
CA TRP B 205 0.72 4.00 2.98
C TRP B 205 0.32 5.47 2.97
N TRP B 206 -0.96 5.71 2.67
CA TRP B 206 -1.51 7.07 2.75
C TRP B 206 -1.27 7.71 4.12
N SER B 207 -1.46 6.94 5.17
CA SER B 207 -1.25 7.44 6.54
C SER B 207 0.22 7.79 6.78
N VAL B 208 1.12 6.89 6.37
CA VAL B 208 2.56 7.15 6.44
C VAL B 208 2.93 8.44 5.70
N LEU B 209 2.44 8.58 4.48
CA LEU B 209 2.70 9.76 3.65
C LEU B 209 2.18 11.06 4.25
N SER B 210 1.00 11.02 4.87
CA SER B 210 0.42 12.23 5.44
C SER B 210 1.22 12.72 6.65
N ILE B 211 1.71 11.76 7.44
CA ILE B 211 2.56 12.05 8.60
C ILE B 211 3.90 12.64 8.13
N LEU B 212 4.52 11.98 7.15
CA LEU B 212 5.78 12.45 6.57
C LEU B 212 5.66 13.86 6.00
N ASN B 213 4.59 14.11 5.26
N ASN B 213 4.60 14.11 5.25
CA ASN B 213 4.37 15.43 4.64
CA ASN B 213 4.34 15.42 4.66
C ASN B 213 4.17 16.54 5.68
C ASN B 213 4.28 16.50 5.74
N TRP B 214 3.53 16.21 6.80
CA TRP B 214 3.35 17.17 7.90
C TRP B 214 4.67 17.44 8.61
N PHE B 215 5.45 16.39 8.86
CA PHE B 215 6.77 16.56 9.47
C PHE B 215 7.75 17.32 8.58
N VAL B 216 7.66 17.12 7.27
CA VAL B 216 8.52 17.85 6.34
C VAL B 216 8.10 19.32 6.19
N GLU B 217 6.81 19.57 6.05
CA GLU B 217 6.27 20.94 5.95
C GLU B 217 6.72 21.83 7.12
N HIS B 218 6.81 21.22 8.30
CA HIS B 218 7.12 21.96 9.53
C HIS B 218 8.46 21.59 10.15
N GLN B 219 9.38 21.06 9.34
CA GLN B 219 10.68 20.59 9.84
C GLN B 219 11.57 21.72 10.39
N ASP B 220 11.42 22.94 9.87
CA ASP B 220 12.15 24.09 10.40
C ASP B 220 11.86 24.30 11.89
N ILE B 221 10.62 24.04 12.28
CA ILE B 221 10.19 24.12 13.67
C ILE B 221 10.55 22.83 14.44
N LEU B 222 10.31 21.68 13.81
CA LEU B 222 10.35 20.39 14.50
C LEU B 222 11.74 19.76 14.65
N GLN B 223 12.58 19.90 13.62
CA GLN B 223 13.92 19.33 13.65
C GLN B 223 14.78 19.79 14.85
N PRO B 224 14.83 21.12 15.12
CA PRO B 224 15.69 21.61 16.20
C PRO B 224 15.32 21.16 17.61
N VAL B 225 14.06 20.82 17.84
CA VAL B 225 13.60 20.55 19.21
C VAL B 225 13.90 19.11 19.69
N ALA B 226 14.25 18.24 18.76
CA ALA B 226 14.57 16.84 19.09
C ALA B 226 16.02 16.69 19.53
N GLY B 227 16.25 15.76 20.46
CA GLY B 227 17.59 15.44 20.94
C GLY B 227 17.53 14.45 22.08
N PRO B 228 18.72 14.00 22.57
CA PRO B 228 18.78 13.06 23.68
C PRO B 228 17.86 13.46 24.82
N GLY B 229 16.95 12.56 25.19
CA GLY B 229 16.02 12.79 26.28
C GLY B 229 14.69 13.41 25.90
N HIS B 230 14.55 13.86 24.65
CA HIS B 230 13.32 14.54 24.19
C HIS B 230 13.12 14.44 22.68
N TRP B 231 12.22 13.55 22.28
CA TRP B 231 12.04 13.18 20.87
C TRP B 231 10.68 13.58 20.29
N ASN B 232 10.66 13.91 19.00
CA ASN B 232 9.42 13.94 18.23
C ASN B 232 8.98 12.50 18.00
N ASP B 233 7.67 12.25 18.07
CA ASP B 233 7.10 10.92 17.86
C ASP B 233 6.05 10.97 16.73
N PRO B 234 6.44 10.52 15.52
CA PRO B 234 5.50 10.41 14.39
C PRO B 234 4.64 9.13 14.43
N ASP B 235 4.70 8.42 15.56
CA ASP B 235 3.83 7.26 15.87
C ASP B 235 4.46 5.95 15.41
N MET B 236 3.70 4.86 15.60
CA MET B 236 4.19 3.48 15.51
C MET B 236 4.65 3.04 14.11
N LEU B 237 5.53 2.03 14.10
CA LEU B 237 5.94 1.38 12.88
C LEU B 237 4.86 0.40 12.45
N LEU B 238 4.58 0.36 11.14
CA LEU B 238 3.54 -0.50 10.58
C LEU B 238 4.08 -1.81 10.03
N ILE B 239 5.40 -1.95 10.06
CA ILE B 239 6.10 -3.10 9.49
C ILE B 239 5.62 -4.39 10.14
N GLY B 240 5.23 -5.36 9.32
CA GLY B 240 4.72 -6.63 9.79
C GLY B 240 3.21 -6.75 9.71
N ASN B 241 2.54 -5.66 9.36
CA ASN B 241 1.09 -5.66 9.32
C ASN B 241 0.50 -5.85 7.92
N PHE B 242 -0.57 -5.13 7.59
CA PHE B 242 -1.37 -5.43 6.39
C PHE B 242 -1.30 -4.40 5.26
N GLY B 243 -1.08 -3.13 5.61
CA GLY B 243 -1.25 -2.03 4.65
C GLY B 243 -0.03 -1.69 3.79
N LEU B 244 1.17 -2.02 4.26
CA LEU B 244 2.38 -1.65 3.55
C LEU B 244 2.96 -2.78 2.73
N SER B 245 3.32 -2.49 1.49
CA SER B 245 4.09 -3.42 0.66
C SER B 245 5.53 -3.50 1.19
N LEU B 246 6.32 -4.42 0.64
CA LEU B 246 7.72 -4.55 1.02
C LEU B 246 8.49 -3.21 0.89
N GLU B 247 8.39 -2.58 -0.28
CA GLU B 247 9.08 -1.30 -0.51
C GLU B 247 8.68 -0.25 0.52
N GLN B 248 7.39 -0.21 0.83
CA GLN B 248 6.83 0.77 1.75
C GLN B 248 7.26 0.52 3.19
N SER B 249 7.40 -0.76 3.54
CA SER B 249 7.88 -1.15 4.86
C SER B 249 9.33 -0.72 5.06
N ARG B 250 10.15 -0.95 4.04
CA ARG B 250 11.55 -0.54 4.06
C ARG B 250 11.66 0.98 4.11
N ALA B 251 10.73 1.65 3.45
CA ALA B 251 10.68 3.11 3.43
C ALA B 251 10.37 3.71 4.81
N GLN B 252 9.36 3.19 5.50
CA GLN B 252 9.01 3.71 6.81
C GLN B 252 10.16 3.53 7.81
N MET B 253 10.80 2.37 7.79
CA MET B 253 11.92 2.09 8.68
C MET B 253 13.05 3.10 8.46
N ALA B 254 13.41 3.30 7.19
CA ALA B 254 14.49 4.20 6.83
C ALA B 254 14.16 5.64 7.19
N LEU B 255 12.92 6.03 6.92
CA LEU B 255 12.48 7.41 7.15
C LEU B 255 12.28 7.73 8.63
N TRP B 256 11.75 6.78 9.41
CA TRP B 256 11.63 6.96 10.85
C TRP B 256 13.03 7.06 11.46
N THR B 257 13.97 6.32 10.88
CA THR B 257 15.36 6.34 11.33
C THR B 257 16.04 7.69 11.08
N VAL B 258 15.93 8.26 9.89
CA VAL B 258 16.55 9.58 9.65
C VAL B 258 15.89 10.71 10.44
N LEU B 259 14.65 10.49 10.88
CA LEU B 259 13.93 11.47 11.68
C LEU B 259 14.17 11.31 13.17
N ALA B 260 15.08 10.40 13.53
CA ALA B 260 15.36 10.07 14.93
C ALA B 260 14.07 9.80 15.71
N ALA B 261 13.17 9.05 15.07
CA ALA B 261 11.90 8.70 15.66
C ALA B 261 12.07 7.52 16.61
N PRO B 262 11.13 7.35 17.57
CA PRO B 262 11.08 6.09 18.30
C PRO B 262 10.88 4.94 17.32
N LEU B 263 11.43 3.78 17.65
CA LEU B 263 11.17 2.58 16.86
C LEU B 263 10.24 1.69 17.67
N LEU B 264 8.97 2.07 17.69
CA LEU B 264 7.98 1.32 18.43
C LEU B 264 7.14 0.49 17.48
N MET B 265 7.41 -0.81 17.48
CA MET B 265 6.68 -1.79 16.70
C MET B 265 5.27 -1.94 17.23
N SER B 266 4.36 -2.35 16.36
CA SER B 266 3.02 -2.75 16.77
C SER B 266 2.52 -3.77 15.77
N THR B 267 2.87 -5.03 16.05
CA THR B 267 2.63 -6.13 15.12
C THR B 267 2.70 -7.46 15.86
N ASP B 268 2.20 -8.52 15.25
CA ASP B 268 2.20 -9.83 15.90
C ASP B 268 3.57 -10.48 15.76
N LEU B 269 4.36 -10.39 16.83
CA LEU B 269 5.73 -10.93 16.82
C LEU B 269 5.74 -12.46 16.74
N ARG B 270 4.60 -13.09 16.96
CA ARG B 270 4.49 -14.54 16.94
C ARG B 270 4.47 -15.12 15.52
N THR B 271 4.01 -14.31 14.57
CA THR B 271 3.83 -14.75 13.19
C THR B 271 4.59 -13.89 12.17
N ILE B 272 5.35 -12.90 12.65
CA ILE B 272 6.09 -12.00 11.76
C ILE B 272 7.01 -12.76 10.79
N SER B 273 6.98 -12.37 9.52
CA SER B 273 7.80 -13.01 8.49
C SER B 273 9.28 -12.68 8.69
N ALA B 274 10.14 -13.57 8.20
CA ALA B 274 11.59 -13.35 8.23
C ALA B 274 11.97 -12.09 7.47
N GLN B 275 11.25 -11.80 6.40
CA GLN B 275 11.50 -10.63 5.58
C GLN B 275 11.27 -9.34 6.37
N ASN B 276 10.16 -9.28 7.10
CA ASN B 276 9.85 -8.13 7.97
C ASN B 276 10.76 -8.04 9.20
N MET B 277 11.12 -9.19 9.75
CA MET B 277 12.09 -9.23 10.84
C MET B 277 13.44 -8.65 10.43
N ASP B 278 13.88 -8.99 9.21
CA ASP B 278 15.14 -8.49 8.66
C ASP B 278 15.18 -6.97 8.54
N ILE B 279 14.03 -6.37 8.25
CA ILE B 279 13.92 -4.91 8.18
C ILE B 279 14.13 -4.31 9.57
N LEU B 280 13.35 -4.80 10.53
CA LEU B 280 13.33 -4.23 11.88
C LEU B 280 14.61 -4.51 12.68
N GLN B 281 15.29 -5.61 12.35
CA GLN B 281 16.51 -6.00 13.06
C GLN B 281 17.81 -5.68 12.30
N ASN B 282 17.70 -4.90 11.23
CA ASN B 282 18.86 -4.42 10.48
C ASN B 282 19.81 -3.67 11.42
N PRO B 283 21.04 -4.20 11.62
CA PRO B 283 21.95 -3.67 12.64
C PRO B 283 22.44 -2.25 12.35
N LEU B 284 22.76 -1.98 11.09
CA LEU B 284 23.20 -0.65 10.69
C LEU B 284 22.06 0.38 10.80
N MET B 285 20.86 -0.02 10.41
CA MET B 285 19.68 0.85 10.55
C MET B 285 19.50 1.27 12.00
N ILE B 286 19.58 0.29 12.91
CA ILE B 286 19.42 0.54 14.34
C ILE B 286 20.54 1.43 14.90
N LYS B 287 21.77 1.18 14.47
CA LYS B 287 22.91 2.01 14.86
C LYS B 287 22.66 3.48 14.49
N ILE B 288 22.15 3.70 13.28
CA ILE B 288 21.84 5.06 12.80
C ILE B 288 20.72 5.69 13.61
N ASN B 289 19.62 4.96 13.80
CA ASN B 289 18.52 5.45 14.62
C ASN B 289 19.00 5.83 16.02
N GLN B 290 19.84 4.97 16.61
CA GLN B 290 20.34 5.12 17.97
C GLN B 290 21.61 5.96 18.09
N ASP B 291 21.93 6.74 17.05
CA ASP B 291 23.15 7.56 17.06
C ASP B 291 23.19 8.48 18.29
N PRO B 292 24.34 8.50 19.01
CA PRO B 292 24.48 9.24 20.28
C PRO B 292 24.19 10.75 20.19
N LEU B 293 24.45 11.37 19.04
CA LEU B 293 24.21 12.79 18.88
C LEU B 293 22.72 13.16 18.92
N GLY B 294 21.87 12.23 18.50
CA GLY B 294 20.42 12.43 18.53
C GLY B 294 19.95 13.64 17.74
N ILE B 295 20.61 13.89 16.61
CA ILE B 295 20.23 14.99 15.74
C ILE B 295 19.21 14.49 14.72
N GLN B 296 18.00 15.03 14.78
CA GLN B 296 16.95 14.68 13.83
C GLN B 296 17.37 15.14 12.42
N GLY B 297 17.11 14.28 11.44
CA GLY B 297 17.40 14.58 10.06
C GLY B 297 16.37 15.49 9.42
N ARG B 298 16.58 15.79 8.15
CA ARG B 298 15.75 16.71 7.38
C ARG B 298 15.64 16.22 5.95
N ARG B 299 14.57 16.60 5.27
CA ARG B 299 14.55 16.52 3.81
C ARG B 299 15.38 17.67 3.27
N ILE B 300 16.42 17.37 2.50
CA ILE B 300 17.31 18.40 1.97
C ILE B 300 17.08 18.70 0.49
N HIS B 301 16.40 17.79 -0.21
CA HIS B 301 16.22 17.92 -1.64
C HIS B 301 14.87 17.36 -2.06
N LYS B 302 14.21 18.06 -2.98
CA LYS B 302 13.00 17.59 -3.63
C LYS B 302 13.09 17.95 -5.10
N GLU B 303 12.84 16.97 -5.97
CA GLU B 303 12.95 17.16 -7.41
C GLU B 303 11.62 16.94 -8.10
N LYS B 304 11.48 17.48 -9.32
CA LYS B 304 10.27 17.28 -10.12
C LYS B 304 10.06 15.81 -10.54
N SER B 305 11.14 15.03 -10.53
CA SER B 305 11.08 13.59 -10.77
C SER B 305 10.40 12.85 -9.59
N LEU B 306 10.04 13.59 -8.55
CA LEU B 306 9.40 13.07 -7.33
C LEU B 306 10.32 12.20 -6.48
N ILE B 307 11.63 12.35 -6.70
CA ILE B 307 12.63 11.78 -5.80
C ILE B 307 12.94 12.80 -4.71
N GLU B 308 12.92 12.36 -3.46
CA GLU B 308 13.29 13.19 -2.33
C GLU B 308 14.56 12.64 -1.68
N VAL B 309 15.36 13.55 -1.12
CA VAL B 309 16.57 13.16 -0.41
C VAL B 309 16.50 13.67 1.04
N TYR B 310 16.66 12.74 1.97
CA TYR B 310 16.74 13.05 3.39
C TYR B 310 18.17 12.86 3.87
N MET B 311 18.58 13.68 4.82
CA MET B 311 19.92 13.61 5.39
C MET B 311 19.88 13.74 6.92
N ARG B 312 20.55 12.81 7.61
CA ARG B 312 20.71 12.90 9.05
C ARG B 312 22.20 12.91 9.45
N PRO B 313 22.65 13.99 10.14
CA PRO B 313 24.02 14.05 10.67
C PRO B 313 24.22 13.00 11.77
N LEU B 314 25.38 12.36 11.77
CA LEU B 314 25.68 11.30 12.74
C LEU B 314 27.03 11.51 13.40
N SER B 315 27.31 10.72 14.43
CA SER B 315 28.58 10.80 15.14
C SER B 315 29.74 10.37 14.25
N ASN B 316 30.95 10.81 14.61
CA ASN B 316 32.19 10.51 13.88
C ASN B 316 32.20 10.98 12.43
N LYS B 317 31.62 12.15 12.19
CA LYS B 317 31.58 12.80 10.87
C LYS B 317 30.79 12.02 9.81
N ALA B 318 30.01 11.05 10.25
CA ALA B 318 29.18 10.23 9.35
C ALA B 318 27.83 10.88 9.09
N SER B 319 27.16 10.41 8.03
CA SER B 319 25.82 10.87 7.69
C SER B 319 24.97 9.70 7.20
N ALA B 320 23.66 9.85 7.32
CA ALA B 320 22.73 8.92 6.69
C ALA B 320 22.00 9.63 5.56
N LEU B 321 21.95 8.99 4.40
CA LEU B 321 21.17 9.51 3.28
C LEU B 321 20.06 8.53 2.91
N VAL B 322 18.85 9.06 2.77
CA VAL B 322 17.72 8.29 2.27
C VAL B 322 17.22 8.93 0.97
N PHE B 323 17.30 8.15 -0.10
CA PHE B 323 16.76 8.54 -1.40
C PHE B 323 15.39 7.88 -1.50
N PHE B 324 14.36 8.71 -1.59
CA PHE B 324 12.97 8.27 -1.44
C PHE B 324 12.17 8.61 -2.69
N SER B 325 11.58 7.58 -3.32
CA SER B 325 10.76 7.78 -4.50
C SER B 325 9.27 7.85 -4.17
N CYS B 326 8.67 9.00 -4.45
CA CYS B 326 7.22 9.15 -4.38
C CYS B 326 6.56 8.83 -5.74
N ARG B 327 7.35 8.32 -6.68
CA ARG B 327 6.83 7.90 -7.98
C ARG B 327 5.95 6.67 -7.82
N THR B 328 5.01 6.50 -8.75
CA THR B 328 4.09 5.37 -8.71
C THR B 328 4.10 4.61 -10.04
N ASP B 329 5.24 4.61 -10.72
CA ASP B 329 5.36 3.93 -12.02
C ASP B 329 6.28 2.69 -12.02
N MET B 330 7.59 2.91 -11.88
CA MET B 330 8.58 1.85 -12.02
C MET B 330 9.92 2.28 -11.39
N PRO B 331 10.91 1.37 -11.32
CA PRO B 331 12.21 1.78 -10.78
C PRO B 331 12.74 3.02 -11.49
N TYR B 332 13.37 3.90 -10.73
CA TYR B 332 13.90 5.14 -11.27
C TYR B 332 15.40 5.21 -11.01
N ARG B 333 16.15 5.57 -12.06
CA ARG B 333 17.59 5.79 -11.97
C ARG B 333 17.85 7.23 -11.55
N TYR B 334 18.17 7.43 -10.27
CA TYR B 334 18.43 8.76 -9.76
C TYR B 334 19.91 9.10 -9.88
N HIS B 335 20.20 10.15 -10.64
CA HIS B 335 21.57 10.60 -10.89
C HIS B 335 21.87 11.83 -10.03
N SER B 336 22.94 11.76 -9.25
CA SER B 336 23.32 12.86 -8.37
C SER B 336 24.81 12.83 -8.04
N SER B 337 25.19 13.68 -7.09
CA SER B 337 26.54 13.74 -6.56
C SER B 337 26.46 14.35 -5.18
N LEU B 338 27.42 14.02 -4.32
CA LEU B 338 27.44 14.56 -2.95
C LEU B 338 27.51 16.08 -2.95
N GLY B 339 28.21 16.66 -3.94
CA GLY B 339 28.29 18.10 -4.12
C GLY B 339 26.94 18.77 -4.34
N GLN B 340 26.07 18.11 -5.11
CA GLN B 340 24.71 18.60 -5.35
C GLN B 340 23.82 18.41 -4.12
N LEU B 341 24.28 17.60 -3.17
CA LEU B 341 23.56 17.39 -1.92
C LEU B 341 24.20 18.19 -0.78
N ASN B 342 24.85 19.27 -1.15
CA ASN B 342 25.43 20.26 -0.23
C ASN B 342 26.52 19.72 0.70
N PHE B 343 27.30 18.75 0.20
CA PHE B 343 28.51 18.32 0.89
C PHE B 343 29.68 19.13 0.38
N THR B 344 30.47 19.69 1.29
CA THR B 344 31.58 20.58 0.93
C THR B 344 32.94 20.09 1.43
N GLY B 345 34.00 20.71 0.93
CA GLY B 345 35.37 20.32 1.28
C GLY B 345 35.93 19.30 0.32
N SER B 346 37.17 18.89 0.55
CA SER B 346 37.83 17.91 -0.30
C SER B 346 37.81 16.52 0.33
N VAL B 347 36.84 16.30 1.22
CA VAL B 347 36.69 15.02 1.90
C VAL B 347 36.25 13.93 0.90
N ILE B 348 36.96 12.81 0.92
CA ILE B 348 36.57 11.63 0.13
C ILE B 348 35.74 10.70 1.01
N TYR B 349 34.61 10.25 0.49
CA TYR B 349 33.66 9.44 1.26
C TYR B 349 33.53 8.01 0.74
N GLU B 350 33.02 7.16 1.63
CA GLU B 350 32.59 5.82 1.28
C GLU B 350 31.18 5.66 1.83
N ALA B 351 30.36 4.87 1.15
CA ALA B 351 28.99 4.64 1.59
C ALA B 351 28.68 3.16 1.71
N GLN B 352 27.91 2.79 2.73
CA GLN B 352 27.33 1.46 2.77
C GLN B 352 25.82 1.55 2.58
N ASP B 353 25.31 0.79 1.60
CA ASP B 353 23.88 0.64 1.39
C ASP B 353 23.31 -0.13 2.57
N VAL B 354 22.39 0.50 3.29
CA VAL B 354 21.90 -0.05 4.56
C VAL B 354 21.11 -1.36 4.38
N TYR B 355 20.40 -1.49 3.26
CA TYR B 355 19.61 -2.70 3.01
C TYR B 355 20.36 -3.82 2.29
N SER B 356 21.18 -3.47 1.29
CA SER B 356 21.91 -4.49 0.51
C SER B 356 23.28 -4.81 1.11
N GLY B 357 23.83 -3.86 1.86
CA GLY B 357 25.15 -4.03 2.48
C GLY B 357 26.31 -3.71 1.55
N ASP B 358 26.00 -3.35 0.32
CA ASP B 358 27.02 -3.02 -0.69
C ASP B 358 27.78 -1.75 -0.34
N ILE B 359 29.06 -1.76 -0.67
CA ILE B 359 29.95 -0.63 -0.38
C ILE B 359 30.31 0.13 -1.65
N ILE B 360 30.14 1.45 -1.59
CA ILE B 360 30.48 2.33 -2.69
C ILE B 360 31.66 3.20 -2.25
N SER B 361 32.82 2.98 -2.87
CA SER B 361 34.04 3.69 -2.46
C SER B 361 34.43 4.79 -3.43
N GLY B 362 35.24 5.73 -2.95
CA GLY B 362 35.79 6.80 -3.78
C GLY B 362 34.80 7.88 -4.16
N LEU B 363 33.88 8.21 -3.25
CA LEU B 363 32.94 9.28 -3.48
C LEU B 363 33.51 10.65 -3.10
N ARG B 364 33.87 11.43 -4.11
CA ARG B 364 34.23 12.83 -3.92
C ARG B 364 32.98 13.64 -4.23
N ASP B 365 32.98 14.92 -3.83
CA ASP B 365 31.81 15.78 -4.05
C ASP B 365 31.37 15.86 -5.51
N GLU B 366 32.34 15.85 -6.42
CA GLU B 366 32.09 15.97 -7.86
C GLU B 366 31.64 14.65 -8.50
N THR B 367 31.88 13.54 -7.82
CA THR B 367 31.65 12.21 -8.38
C THR B 367 30.16 11.96 -8.65
N ASN B 368 29.84 11.70 -9.91
CA ASN B 368 28.48 11.36 -10.30
C ASN B 368 28.16 9.92 -9.90
N PHE B 369 27.02 9.73 -9.25
CA PHE B 369 26.55 8.39 -8.91
C PHE B 369 25.09 8.19 -9.30
N THR B 370 24.70 6.92 -9.42
CA THR B 370 23.33 6.55 -9.73
C THR B 370 22.82 5.57 -8.68
N VAL B 371 21.60 5.79 -8.22
CA VAL B 371 20.90 4.83 -7.38
C VAL B 371 19.56 4.47 -8.02
N ILE B 372 19.21 3.20 -7.96
CA ILE B 372 17.94 2.73 -8.50
C ILE B 372 16.94 2.61 -7.36
N ILE B 373 15.88 3.41 -7.43
CA ILE B 373 14.87 3.49 -6.38
C ILE B 373 13.53 3.01 -6.91
N ASN B 374 12.92 2.07 -6.20
CA ASN B 374 11.62 1.52 -6.57
C ASN B 374 10.48 2.43 -6.10
N PRO B 375 9.32 2.40 -6.80
CA PRO B 375 8.17 3.26 -6.46
C PRO B 375 7.75 3.06 -5.01
N SER B 376 7.46 4.17 -4.32
CA SER B 376 7.15 4.17 -2.87
C SER B 376 8.21 3.46 -2.03
N GLY B 377 9.45 3.56 -2.48
CA GLY B 377 10.57 2.88 -1.83
C GLY B 377 11.77 3.76 -1.62
N VAL B 378 12.79 3.19 -0.98
CA VAL B 378 14.00 3.94 -0.64
C VAL B 378 15.27 3.21 -1.06
N VAL B 379 16.33 4.00 -1.20
CA VAL B 379 17.70 3.54 -1.13
C VAL B 379 18.32 4.29 0.05
N MET B 380 18.98 3.56 0.95
CA MET B 380 19.58 4.21 2.11
C MET B 380 21.09 3.97 2.19
N TRP B 381 21.83 5.06 2.43
CA TRP B 381 23.28 5.03 2.55
C TRP B 381 23.72 5.45 3.94
N TYR B 382 24.71 4.74 4.46
CA TYR B 382 25.48 5.20 5.60
C TYR B 382 26.79 5.73 5.03
N LEU B 383 26.98 7.04 5.12
CA LEU B 383 28.10 7.73 4.46
C LEU B 383 29.14 8.21 5.47
N TYR B 384 30.42 7.98 5.16
CA TYR B 384 31.51 8.32 6.07
C TYR B 384 32.81 8.67 5.32
N PRO B 385 33.63 9.58 5.89
CA PRO B 385 34.93 9.86 5.31
C PRO B 385 35.87 8.67 5.49
N ILE B 386 36.67 8.38 4.47
CA ILE B 386 37.74 7.38 4.61
C ILE B 386 39.12 8.03 4.50
N LYS B 387 40.04 7.56 5.35
CA LYS B 387 41.41 8.08 5.39
C LYS B 387 42.43 6.96 5.53
#